data_3ZQL
#
_entry.id   3ZQL
#
_cell.length_a   85.788
_cell.length_b   112.613
_cell.length_c   163.725
_cell.angle_alpha   90.00
_cell.angle_beta   90.00
_cell.angle_gamma   90.00
#
_symmetry.space_group_name_H-M   'P 21 21 21'
#
loop_
_entity.id
_entity.type
_entity.pdbx_description
1 polymer 'PUTATIVE REPRESSOR SIMREG2'
2 polymer "5'-D(*DTP*TP*CP*GP*TP*AP*CP*GP*CP*CP*GP*TP*AP*DCP *GP*AP*A)-3'"
3 polymer "5'-D(*DTP*TP*CP*GP*TP*AP*CP*GP*GP*CP*GP*TP*AP*DCP *GP*AP*A)-3'"
#
loop_
_entity_poly.entity_id
_entity_poly.type
_entity_poly.pdbx_seq_one_letter_code
_entity_poly.pdbx_strand_id
1 'polypeptide(L)'
;MNENEPVSIWMHPEPAGRRSARSHRTLSRDQIVRAAVKVADTEGVEAASMRRVAAELGAGTMSLYYYVPTKEDLVELMVD
EVIGETRLPDRPGPDWRAALTLAANEKRALWLRHPWLATAWRNGHPVWGPNSLRQQEFVLGTLGVFDLQVDELLSLIGLY
NGYVESFVRNEVGWLEEARRTKVDMREWMRRSGPYAQQLVDSGEYPMFARVLAETVAPHMGPDQRFRSGLERLLDSIGAS
LDRLSPPGRSAASERPALALEHHHHHH
;
A,B,C,D
2 'polydeoxyribonucleotide' (DT)(DT)(DC)(DG)(DT)(DA)(DC)(DG)(DC)(DC)(DG)(DT)(DA)(DC)(DG)(DA)(DA) E,G
3 'polydeoxyribonucleotide' (DT)(DT)(DC)(DG)(DT)(DA)(DC)(DG)(DG)(DC)(DG)(DT)(DA)(DC)(DG)(DA)(DA) F,H
#
# COMPACT_ATOMS: atom_id res chain seq x y z
N VAL A 7 -13.45 8.69 -15.67
CA VAL A 7 -13.80 10.11 -15.98
C VAL A 7 -13.58 11.01 -14.72
N SER A 8 -13.78 12.32 -14.88
CA SER A 8 -13.81 13.31 -13.81
C SER A 8 -14.78 14.36 -14.36
N ILE A 9 -15.12 15.37 -13.58
CA ILE A 9 -16.18 16.28 -14.00
C ILE A 9 -15.67 17.38 -14.92
N TRP A 10 -14.39 17.64 -14.91
CA TRP A 10 -13.81 18.65 -15.77
C TRP A 10 -13.62 18.10 -17.19
N MET A 11 -13.97 16.83 -17.37
CA MET A 11 -13.96 16.18 -18.66
C MET A 11 -15.39 15.84 -19.09
N HIS A 12 -16.38 16.25 -18.31
CA HIS A 12 -17.77 15.84 -18.52
C HIS A 12 -18.62 17.09 -18.51
N PRO A 13 -18.60 17.84 -19.62
CA PRO A 13 -19.32 19.12 -19.65
C PRO A 13 -20.84 18.94 -19.63
N GLU A 14 -21.56 19.97 -19.19
CA GLU A 14 -23.03 19.93 -19.24
C GLU A 14 -23.51 19.84 -20.69
N PRO A 15 -24.71 19.28 -20.89
CA PRO A 15 -25.21 19.04 -22.26
C PRO A 15 -25.45 20.32 -23.06
N ALA A 16 -25.10 20.28 -24.34
CA ALA A 16 -25.38 21.42 -25.20
C ALA A 16 -26.89 21.67 -25.25
N GLY A 17 -27.29 22.93 -25.06
CA GLY A 17 -28.71 23.32 -25.19
C GLY A 17 -29.15 23.30 -26.64
N ARG A 18 -30.42 22.96 -26.87
CA ARG A 18 -30.92 22.84 -28.24
C ARG A 18 -30.89 24.17 -28.96
N ARG A 19 -30.64 24.10 -30.27
CA ARG A 19 -30.46 25.28 -31.11
C ARG A 19 -31.79 26.02 -31.32
N SER A 20 -31.85 27.27 -30.88
CA SER A 20 -33.06 28.10 -31.01
C SER A 20 -32.81 29.56 -30.63
N ALA A 21 -33.38 30.49 -31.40
CA ALA A 21 -33.22 31.94 -31.14
C ALA A 21 -33.94 32.43 -29.88
N ARG A 22 -34.78 31.58 -29.30
CA ARG A 22 -35.67 31.98 -28.20
C ARG A 22 -34.99 31.89 -26.83
N SER A 23 -35.65 32.48 -25.83
CA SER A 23 -35.14 32.51 -24.45
C SER A 23 -34.52 31.17 -24.03
N HIS A 24 -33.29 31.25 -23.53
CA HIS A 24 -32.69 30.19 -22.70
C HIS A 24 -33.69 29.79 -21.59
N ARG A 25 -33.39 28.70 -20.87
CA ARG A 25 -34.28 28.29 -19.80
C ARG A 25 -33.53 27.95 -18.53
N THR A 26 -33.11 29.03 -17.87
CA THR A 26 -32.77 29.05 -16.46
C THR A 26 -31.92 27.86 -15.94
N LEU A 27 -32.50 26.67 -15.76
CA LEU A 27 -31.77 25.55 -15.14
C LEU A 27 -30.48 25.17 -15.90
N SER A 28 -29.36 25.30 -15.22
CA SER A 28 -28.05 24.98 -15.78
C SER A 28 -27.12 24.50 -14.68
N ARG A 29 -26.00 23.91 -15.05
CA ARG A 29 -25.04 23.45 -14.05
C ARG A 29 -24.60 24.63 -13.19
N ASP A 30 -24.17 25.69 -13.85
CA ASP A 30 -23.68 26.87 -13.15
C ASP A 30 -24.69 27.41 -12.14
N GLN A 31 -25.97 27.24 -12.44
CA GLN A 31 -27.00 27.75 -11.58
C GLN A 31 -27.29 26.82 -10.42
N ILE A 32 -27.06 25.54 -10.63
CA ILE A 32 -27.27 24.55 -9.58
C ILE A 32 -26.15 24.65 -8.56
N VAL A 33 -24.92 24.80 -9.07
CA VAL A 33 -23.75 24.91 -8.20
C VAL A 33 -23.89 26.15 -7.30
N ARG A 34 -24.24 27.28 -7.90
CA ARG A 34 -24.34 28.51 -7.15
C ARG A 34 -25.45 28.43 -6.08
N ALA A 35 -26.50 27.65 -6.34
CA ALA A 35 -27.59 27.44 -5.38
C ALA A 35 -27.17 26.51 -4.24
N ALA A 36 -26.40 25.49 -4.58
CA ALA A 36 -25.90 24.56 -3.59
C ALA A 36 -24.97 25.28 -2.63
N VAL A 37 -24.08 26.11 -3.19
CA VAL A 37 -23.24 26.96 -2.36
C VAL A 37 -24.07 27.81 -1.40
N LYS A 38 -25.16 28.40 -1.89
CA LYS A 38 -26.00 29.29 -1.04
C LYS A 38 -26.67 28.52 0.11
N VAL A 39 -27.19 27.34 -0.17
CA VAL A 39 -27.76 26.53 0.90
C VAL A 39 -26.68 26.10 1.90
N ALA A 40 -25.54 25.63 1.38
CA ALA A 40 -24.42 25.18 2.21
C ALA A 40 -23.95 26.25 3.15
N ASP A 41 -23.80 27.47 2.64
CA ASP A 41 -23.39 28.59 3.49
C ASP A 41 -24.45 28.92 4.53
N THR A 42 -25.68 29.12 4.06
CA THR A 42 -26.81 29.51 4.90
C THR A 42 -27.15 28.50 6.00
N GLU A 43 -27.23 27.21 5.65
CA GLU A 43 -27.72 26.17 6.58
C GLU A 43 -26.82 24.93 6.67
N GLY A 44 -25.57 25.03 6.22
CA GLY A 44 -24.60 23.94 6.40
C GLY A 44 -24.74 22.83 5.38
N VAL A 45 -23.60 22.29 4.95
CA VAL A 45 -23.52 21.32 3.84
C VAL A 45 -24.54 20.16 3.92
N GLU A 46 -24.90 19.74 5.13
CA GLU A 46 -25.84 18.63 5.31
C GLU A 46 -27.23 18.97 4.78
N ALA A 47 -27.56 20.25 4.78
CA ALA A 47 -28.81 20.75 4.22
C ALA A 47 -28.81 20.76 2.69
N ALA A 48 -27.64 20.96 2.08
CA ALA A 48 -27.56 21.09 0.62
C ALA A 48 -27.63 19.72 -0.03
N SER A 49 -28.79 19.10 0.14
CA SER A 49 -29.12 17.84 -0.49
C SER A 49 -29.83 18.11 -1.81
N MET A 50 -29.91 17.09 -2.64
CA MET A 50 -30.47 17.25 -3.98
C MET A 50 -31.88 17.82 -3.91
N ARG A 51 -32.68 17.41 -2.94
CA ARG A 51 -34.04 17.89 -2.88
C ARG A 51 -34.07 19.35 -2.48
N ARG A 52 -33.26 19.69 -1.51
CA ARG A 52 -33.24 21.05 -0.97
C ARG A 52 -32.72 22.04 -1.98
N VAL A 53 -31.70 21.64 -2.73
CA VAL A 53 -31.13 22.52 -3.75
C VAL A 53 -32.11 22.66 -4.92
N ALA A 54 -32.79 21.59 -5.28
CA ALA A 54 -33.81 21.65 -6.32
C ALA A 54 -34.96 22.53 -5.87
N ALA A 55 -35.43 22.33 -4.64
CA ALA A 55 -36.45 23.20 -4.07
C ALA A 55 -36.07 24.67 -4.19
N GLU A 56 -34.80 24.96 -3.94
CA GLU A 56 -34.29 26.33 -3.96
C GLU A 56 -34.42 26.93 -5.35
N LEU A 57 -34.15 26.14 -6.38
CA LEU A 57 -34.23 26.61 -7.75
C LEU A 57 -35.64 26.57 -8.34
N GLY A 58 -36.56 25.90 -7.67
CA GLY A 58 -37.90 25.70 -8.21
C GLY A 58 -37.94 24.53 -9.17
N ALA A 59 -36.85 23.75 -9.20
CA ALA A 59 -36.77 22.57 -10.08
C ALA A 59 -37.23 21.30 -9.40
N GLY A 60 -37.56 20.30 -10.19
CA GLY A 60 -37.76 18.95 -9.68
C GLY A 60 -36.42 18.36 -9.26
N THR A 61 -36.44 17.50 -8.25
CA THR A 61 -35.22 16.97 -7.67
C THR A 61 -34.32 16.37 -8.76
N MET A 62 -34.84 15.40 -9.48
CA MET A 62 -34.05 14.68 -10.46
C MET A 62 -33.75 15.50 -11.74
N SER A 63 -34.31 16.71 -11.84
CA SER A 63 -34.03 17.59 -12.96
C SER A 63 -32.60 18.04 -12.90
N LEU A 64 -32.04 18.06 -11.70
CA LEU A 64 -30.68 18.49 -11.48
C LEU A 64 -29.70 17.51 -12.08
N TYR A 65 -30.08 16.24 -12.12
CA TYR A 65 -29.16 15.18 -12.51
C TYR A 65 -28.82 15.21 -13.98
N TYR A 66 -29.67 15.88 -14.77
CA TYR A 66 -29.37 16.12 -16.18
C TYR A 66 -28.10 16.97 -16.34
N TYR A 67 -27.84 17.83 -15.36
CA TYR A 67 -26.71 18.77 -15.41
C TYR A 67 -25.52 18.33 -14.56
N VAL A 68 -25.75 17.40 -13.63
CA VAL A 68 -24.75 16.97 -12.65
C VAL A 68 -24.90 15.49 -12.33
N PRO A 69 -23.92 14.67 -12.72
CA PRO A 69 -24.00 13.20 -12.70
C PRO A 69 -24.27 12.59 -11.34
N THR A 70 -23.57 13.07 -10.32
CA THR A 70 -23.64 12.51 -8.96
C THR A 70 -23.47 13.64 -7.96
N LYS A 71 -23.82 13.42 -6.70
CA LYS A 71 -23.65 14.49 -5.72
C LYS A 71 -22.17 14.70 -5.43
N GLU A 72 -21.41 13.62 -5.41
CA GLU A 72 -19.97 13.73 -5.21
C GLU A 72 -19.48 14.80 -6.19
N ASP A 73 -19.96 14.73 -7.45
CA ASP A 73 -19.57 15.67 -8.50
C ASP A 73 -20.04 17.08 -8.22
N LEU A 74 -21.28 17.24 -7.79
CA LEU A 74 -21.77 18.57 -7.44
C LEU A 74 -20.87 19.23 -6.42
N VAL A 75 -20.37 18.48 -5.45
CA VAL A 75 -19.52 19.04 -4.39
C VAL A 75 -18.16 19.51 -4.95
N GLU A 76 -17.56 18.73 -5.86
CA GLU A 76 -16.32 19.18 -6.49
C GLU A 76 -16.59 20.50 -7.19
N LEU A 77 -17.70 20.57 -7.92
CA LEU A 77 -18.04 21.81 -8.61
C LEU A 77 -18.25 22.94 -7.60
N MET A 78 -18.85 22.61 -6.46
CA MET A 78 -19.04 23.59 -5.40
C MET A 78 -17.70 24.08 -4.90
N VAL A 79 -16.74 23.17 -4.80
CA VAL A 79 -15.44 23.50 -4.22
C VAL A 79 -14.70 24.49 -5.11
N ASP A 80 -14.66 24.20 -6.40
CA ASP A 80 -13.98 25.09 -7.35
C ASP A 80 -14.71 26.41 -7.39
N GLU A 81 -16.04 26.39 -7.46
CA GLU A 81 -16.80 27.61 -7.55
C GLU A 81 -16.33 28.60 -6.49
N VAL A 82 -16.35 28.17 -5.24
CA VAL A 82 -16.07 29.10 -4.16
C VAL A 82 -14.59 29.55 -4.15
N ILE A 83 -13.68 28.69 -4.56
CA ILE A 83 -12.27 29.11 -4.69
C ILE A 83 -12.12 30.36 -5.58
N GLY A 84 -13.00 30.50 -6.58
CA GLY A 84 -13.02 31.65 -7.47
C GLY A 84 -13.24 32.98 -6.78
N GLU A 85 -13.74 32.95 -5.55
CA GLU A 85 -13.89 34.17 -4.76
C GLU A 85 -12.55 34.80 -4.34
N THR A 86 -11.45 34.05 -4.45
CA THR A 86 -10.14 34.54 -4.01
C THR A 86 -9.74 35.81 -4.75
N ARG A 87 -9.44 36.87 -4.00
CA ARG A 87 -8.91 38.11 -4.58
C ARG A 87 -7.37 38.04 -4.60
N LEU A 88 -6.81 37.74 -5.78
CA LEU A 88 -5.39 37.49 -5.94
C LEU A 88 -4.84 38.18 -7.20
N PRO A 89 -3.66 38.81 -7.10
CA PRO A 89 -2.97 39.38 -8.27
C PRO A 89 -2.60 38.30 -9.29
N ASP A 90 -2.28 38.71 -10.50
CA ASP A 90 -1.93 37.75 -11.57
C ASP A 90 -0.54 37.19 -11.32
N ARG A 91 0.47 38.06 -11.31
CA ARG A 91 1.84 37.69 -10.97
C ARG A 91 1.98 37.74 -9.44
N PRO A 92 2.77 36.83 -8.84
CA PRO A 92 2.88 36.82 -7.38
C PRO A 92 3.77 37.92 -6.83
N GLY A 93 4.78 38.33 -7.61
CA GLY A 93 5.71 39.37 -7.19
C GLY A 93 7.03 38.76 -6.73
N PRO A 94 8.03 39.61 -6.43
CA PRO A 94 9.32 39.11 -5.93
C PRO A 94 9.32 38.79 -4.43
N ASP A 95 8.39 39.39 -3.69
CA ASP A 95 8.32 39.15 -2.25
C ASP A 95 7.52 37.89 -2.01
N TRP A 96 8.18 36.75 -2.13
CA TRP A 96 7.52 35.46 -1.94
C TRP A 96 6.87 35.37 -0.56
N ARG A 97 7.52 35.92 0.45
CA ARG A 97 6.95 35.96 1.80
C ARG A 97 5.61 36.70 1.80
N ALA A 98 5.57 37.88 1.18
CA ALA A 98 4.32 38.66 1.06
C ALA A 98 3.27 37.91 0.25
N ALA A 99 3.70 37.34 -0.87
CA ALA A 99 2.82 36.59 -1.75
C ALA A 99 2.15 35.41 -1.02
N LEU A 100 2.96 34.58 -0.38
CA LEU A 100 2.43 33.43 0.35
C LEU A 100 1.54 33.88 1.52
N THR A 101 1.91 34.97 2.20
CA THR A 101 1.08 35.49 3.30
C THR A 101 -0.33 35.82 2.79
N LEU A 102 -0.38 36.58 1.71
CA LEU A 102 -1.65 36.98 1.13
C LEU A 102 -2.49 35.76 0.77
N ALA A 103 -1.86 34.79 0.10
CA ALA A 103 -2.55 33.59 -0.36
C ALA A 103 -3.13 32.86 0.85
N ALA A 104 -2.31 32.77 1.90
CA ALA A 104 -2.71 32.16 3.15
C ALA A 104 -3.89 32.85 3.79
N ASN A 105 -3.81 34.17 3.87
CA ASN A 105 -4.89 34.93 4.49
C ASN A 105 -6.21 34.85 3.74
N GLU A 106 -6.12 34.77 2.41
CA GLU A 106 -7.31 34.71 1.57
C GLU A 106 -7.98 33.34 1.68
N LYS A 107 -7.15 32.29 1.77
CA LYS A 107 -7.66 30.95 1.98
C LYS A 107 -8.37 30.83 3.31
N ARG A 108 -7.74 31.35 4.36
CA ARG A 108 -8.37 31.32 5.66
C ARG A 108 -9.69 32.07 5.60
N ALA A 109 -9.67 33.27 5.01
CA ALA A 109 -10.88 34.06 4.86
C ALA A 109 -11.96 33.26 4.17
N LEU A 110 -11.57 32.58 3.10
CA LEU A 110 -12.47 31.73 2.33
C LEU A 110 -13.08 30.63 3.16
N TRP A 111 -12.23 29.91 3.88
CA TRP A 111 -12.68 28.76 4.64
C TRP A 111 -13.65 29.16 5.72
N LEU A 112 -13.36 30.28 6.39
CA LEU A 112 -14.24 30.80 7.44
C LEU A 112 -15.57 31.17 6.83
N ARG A 113 -15.54 31.65 5.60
CA ARG A 113 -16.74 32.06 4.89
C ARG A 113 -17.54 30.83 4.42
N HIS A 114 -16.84 29.74 4.12
CA HIS A 114 -17.47 28.48 3.70
C HIS A 114 -16.93 27.31 4.52
N PRO A 115 -17.36 27.19 5.78
CA PRO A 115 -16.87 26.16 6.69
C PRO A 115 -16.95 24.74 6.16
N TRP A 116 -17.82 24.51 5.20
CA TRP A 116 -18.04 23.17 4.71
C TRP A 116 -16.90 22.67 3.84
N LEU A 117 -15.95 23.55 3.48
CA LEU A 117 -14.81 23.14 2.67
C LEU A 117 -13.98 22.06 3.34
N ALA A 118 -13.76 22.17 4.65
CA ALA A 118 -13.09 21.12 5.42
C ALA A 118 -13.77 19.75 5.29
N THR A 119 -15.08 19.72 5.48
CA THR A 119 -15.85 18.48 5.35
C THR A 119 -16.01 18.02 3.91
N ALA A 120 -16.31 18.94 3.01
CA ALA A 120 -16.71 18.57 1.68
C ALA A 120 -15.57 17.97 0.89
N TRP A 121 -14.39 18.57 1.00
CA TRP A 121 -13.25 18.13 0.20
C TRP A 121 -12.59 16.86 0.74
N ARG A 122 -12.87 15.72 0.06
CA ARG A 122 -12.50 14.35 0.52
C ARG A 122 -11.00 14.02 0.38
N ASN A 123 -10.26 14.91 -0.26
CA ASN A 123 -8.76 14.93 -0.21
C ASN A 123 -8.01 13.90 -1.08
N GLY A 124 -8.73 13.18 -1.96
CA GLY A 124 -8.10 12.17 -2.80
C GLY A 124 -7.43 12.80 -4.00
N HIS A 125 -8.08 12.71 -5.15
CA HIS A 125 -7.58 13.36 -6.35
C HIS A 125 -7.60 14.88 -6.22
N PRO A 126 -6.66 15.58 -6.87
CA PRO A 126 -6.72 17.03 -6.87
C PRO A 126 -7.86 17.55 -7.72
N VAL A 127 -8.37 18.72 -7.37
CA VAL A 127 -9.42 19.37 -8.14
C VAL A 127 -8.75 20.21 -9.23
N TRP A 128 -8.96 19.80 -10.48
CA TRP A 128 -8.38 20.49 -11.62
C TRP A 128 -9.36 21.37 -12.38
N GLY A 129 -10.29 21.97 -11.64
CA GLY A 129 -11.12 23.03 -12.18
C GLY A 129 -10.33 24.32 -12.38
N PRO A 130 -10.88 25.27 -13.13
CA PRO A 130 -10.22 26.52 -13.46
C PRO A 130 -9.78 27.32 -12.26
N ASN A 131 -10.66 27.49 -11.28
CA ASN A 131 -10.33 28.31 -10.12
C ASN A 131 -9.20 27.73 -9.28
N SER A 132 -9.22 26.42 -9.06
CA SER A 132 -8.15 25.73 -8.35
C SER A 132 -6.83 25.87 -9.08
N LEU A 133 -6.86 25.66 -10.39
CA LEU A 133 -5.64 25.73 -11.18
C LEU A 133 -5.06 27.15 -11.17
N ARG A 134 -5.93 28.17 -11.28
CA ARG A 134 -5.48 29.56 -11.16
C ARG A 134 -4.82 29.77 -9.78
N GLN A 135 -5.53 29.44 -8.68
CA GLN A 135 -4.98 29.62 -7.30
C GLN A 135 -3.65 28.88 -7.16
N GLN A 136 -3.54 27.68 -7.71
CA GLN A 136 -2.29 26.92 -7.59
C GLN A 136 -1.15 27.53 -8.39
N GLU A 137 -1.46 28.07 -9.56
CA GLU A 137 -0.44 28.77 -10.36
C GLU A 137 0.25 29.84 -9.53
N PHE A 138 -0.56 30.62 -8.82
CA PHE A 138 -0.04 31.68 -7.99
C PHE A 138 0.87 31.18 -6.86
N VAL A 139 0.45 30.12 -6.18
CA VAL A 139 1.22 29.61 -5.04
C VAL A 139 2.49 28.98 -5.52
N LEU A 140 2.38 27.98 -6.40
CA LEU A 140 3.53 27.35 -7.03
C LEU A 140 4.47 28.40 -7.66
N GLY A 141 3.86 29.46 -8.18
CA GLY A 141 4.59 30.56 -8.79
C GLY A 141 5.57 31.25 -7.85
N THR A 142 5.16 31.48 -6.60
CA THR A 142 5.98 32.22 -5.67
C THR A 142 7.39 31.64 -5.53
N LEU A 143 7.50 30.32 -5.51
CA LEU A 143 8.80 29.63 -5.38
C LEU A 143 9.40 29.15 -6.72
N GLY A 144 8.74 29.44 -7.84
CA GLY A 144 9.24 29.04 -9.16
C GLY A 144 10.51 29.78 -9.54
N VAL A 145 10.59 31.03 -9.09
CA VAL A 145 11.77 31.88 -9.30
C VAL A 145 13.08 31.17 -8.91
N PHE A 146 13.06 30.46 -7.77
CA PHE A 146 14.27 29.84 -7.22
C PHE A 146 14.65 28.56 -7.96
N ASP A 147 15.95 28.26 -7.89
CA ASP A 147 16.53 27.13 -8.61
C ASP A 147 16.37 25.85 -7.80
N LEU A 148 15.15 25.30 -7.77
CA LEU A 148 14.91 24.04 -7.04
C LEU A 148 14.21 22.98 -7.87
N GLN A 149 14.59 21.73 -7.61
CA GLN A 149 14.02 20.56 -8.24
C GLN A 149 12.51 20.57 -8.07
N VAL A 150 11.82 20.03 -9.08
CA VAL A 150 10.36 19.94 -9.05
C VAL A 150 9.90 19.38 -7.70
N ASP A 151 10.50 18.28 -7.29
CA ASP A 151 10.09 17.57 -6.09
C ASP A 151 10.38 18.32 -4.78
N GLU A 152 11.37 19.22 -4.81
CA GLU A 152 11.64 20.08 -3.67
C GLU A 152 10.58 21.17 -3.59
N LEU A 153 10.21 21.72 -4.73
CA LEU A 153 9.18 22.75 -4.80
C LEU A 153 7.85 22.23 -4.24
N LEU A 154 7.48 21.02 -4.64
CA LEU A 154 6.23 20.44 -4.18
C LEU A 154 6.28 20.17 -2.69
N SER A 155 7.43 19.73 -2.20
CA SER A 155 7.59 19.47 -0.78
C SER A 155 7.43 20.77 0.01
N LEU A 156 8.19 21.79 -0.37
CA LEU A 156 8.12 23.09 0.31
C LEU A 156 6.72 23.71 0.31
N ILE A 157 6.00 23.56 -0.79
CA ILE A 157 4.62 24.07 -0.86
C ILE A 157 3.66 23.21 -0.07
N GLY A 158 3.97 21.91 0.02
CA GLY A 158 3.17 21.00 0.84
C GLY A 158 3.24 21.39 2.31
N LEU A 159 4.44 21.72 2.77
CA LEU A 159 4.65 22.20 4.14
C LEU A 159 3.84 23.46 4.36
N TYR A 160 3.84 24.34 3.37
CA TYR A 160 3.03 25.55 3.44
C TYR A 160 1.53 25.22 3.51
N ASN A 161 1.01 24.57 2.47
CA ASN A 161 -0.40 24.16 2.45
C ASN A 161 -0.80 23.44 3.73
N GLY A 162 0.12 22.63 4.26
CA GLY A 162 -0.13 21.90 5.50
C GLY A 162 -0.48 22.83 6.63
N TYR A 163 0.44 23.74 6.96
CA TYR A 163 0.20 24.67 8.04
C TYR A 163 -1.16 25.34 7.90
N VAL A 164 -1.39 25.98 6.76
CA VAL A 164 -2.62 26.76 6.57
C VAL A 164 -3.86 25.90 6.74
N GLU A 165 -3.96 24.81 6.00
CA GLU A 165 -5.13 23.93 6.09
C GLU A 165 -5.40 23.41 7.50
N SER A 166 -4.38 22.87 8.18
CA SER A 166 -4.53 22.28 9.50
C SER A 166 -5.04 23.29 10.50
N PHE A 167 -4.40 24.45 10.51
CA PHE A 167 -4.83 25.53 11.38
C PHE A 167 -6.30 25.83 11.14
N VAL A 168 -6.63 26.07 9.88
CA VAL A 168 -7.96 26.52 9.51
C VAL A 168 -8.97 25.41 9.65
N ARG A 169 -8.51 24.17 9.54
CA ARG A 169 -9.40 23.02 9.65
C ARG A 169 -9.95 22.92 11.07
N ASN A 170 -9.13 23.30 12.04
CA ASN A 170 -9.54 23.34 13.43
C ASN A 170 -10.46 24.52 13.69
N GLU A 171 -10.07 25.68 13.19
CA GLU A 171 -10.85 26.88 13.40
C GLU A 171 -12.29 26.63 12.95
N VAL A 172 -12.41 25.97 11.80
CA VAL A 172 -13.68 25.76 11.15
C VAL A 172 -14.41 24.59 11.77
N GLY A 173 -13.64 23.65 12.32
CA GLY A 173 -14.21 22.53 13.05
C GLY A 173 -15.11 22.99 14.20
N TRP A 174 -14.56 23.86 15.03
CA TRP A 174 -15.30 24.43 16.16
C TRP A 174 -16.53 25.17 15.67
N LEU A 175 -16.35 25.96 14.61
CA LEU A 175 -17.46 26.69 14.03
C LEU A 175 -18.61 25.78 13.66
N GLU A 176 -18.31 24.72 12.92
CA GLU A 176 -19.36 23.82 12.45
C GLU A 176 -19.98 23.05 13.59
N GLU A 177 -19.15 22.60 14.51
CA GLU A 177 -19.66 21.98 15.73
C GLU A 177 -20.66 22.89 16.44
N ALA A 178 -20.28 24.16 16.64
CA ALA A 178 -21.15 25.14 17.26
C ALA A 178 -22.49 25.21 16.55
N ARG A 179 -22.47 25.28 15.22
CA ARG A 179 -23.71 25.26 14.46
C ARG A 179 -24.52 24.04 14.85
N ARG A 180 -23.96 22.85 14.66
CA ARG A 180 -24.73 21.62 14.81
C ARG A 180 -25.27 21.43 16.23
N THR A 181 -24.43 21.70 17.23
CA THR A 181 -24.77 21.36 18.61
C THR A 181 -25.15 22.56 19.46
N LYS A 182 -25.21 23.74 18.84
CA LYS A 182 -25.45 25.00 19.57
C LYS A 182 -24.56 25.18 20.83
N VAL A 183 -23.41 24.49 20.91
CA VAL A 183 -22.46 24.62 22.05
C VAL A 183 -21.10 25.06 21.53
N ASP A 184 -20.71 26.31 21.77
CA ASP A 184 -19.47 26.83 21.20
C ASP A 184 -18.26 26.41 22.03
N MET A 185 -17.09 26.92 21.68
CA MET A 185 -15.85 26.45 22.30
C MET A 185 -15.70 26.85 23.77
N ARG A 186 -15.94 28.12 24.08
CA ARG A 186 -15.94 28.57 25.47
C ARG A 186 -16.87 27.64 26.27
N GLU A 187 -18.06 27.40 25.73
CA GLU A 187 -19.08 26.61 26.39
C GLU A 187 -18.68 25.15 26.58
N TRP A 188 -18.03 24.58 25.58
CA TRP A 188 -17.59 23.18 25.66
C TRP A 188 -16.53 23.04 26.74
N MET A 189 -15.53 23.92 26.68
CA MET A 189 -14.47 23.92 27.67
C MET A 189 -15.04 24.09 29.07
N ARG A 190 -16.00 25.01 29.22
CA ARG A 190 -16.65 25.26 30.50
C ARG A 190 -17.25 23.97 31.06
N ARG A 191 -18.07 23.28 30.26
CA ARG A 191 -18.70 22.04 30.71
C ARG A 191 -17.73 20.86 30.88
N SER A 192 -16.56 20.93 30.27
CA SER A 192 -15.57 19.88 30.47
C SER A 192 -14.68 20.12 31.69
N GLY A 193 -14.72 21.33 32.25
CA GLY A 193 -13.92 21.69 33.42
C GLY A 193 -13.82 20.63 34.50
N PRO A 194 -14.98 20.16 35.00
CA PRO A 194 -15.07 19.04 35.94
C PRO A 194 -14.22 17.84 35.56
N TYR A 195 -14.37 17.37 34.34
CA TYR A 195 -13.63 16.20 33.88
C TYR A 195 -12.14 16.51 33.73
N ALA A 196 -11.84 17.72 33.28
CA ALA A 196 -10.46 18.14 33.15
C ALA A 196 -9.82 18.14 34.54
N GLN A 197 -10.56 18.64 35.55
CA GLN A 197 -10.12 18.58 36.94
C GLN A 197 -9.73 17.18 37.33
N GLN A 198 -10.64 16.23 37.11
CA GLN A 198 -10.39 14.82 37.42
C GLN A 198 -9.12 14.34 36.74
N LEU A 199 -8.97 14.69 35.46
CA LEU A 199 -7.78 14.32 34.74
C LEU A 199 -6.54 14.97 35.35
N VAL A 200 -6.60 16.26 35.64
CA VAL A 200 -5.45 16.96 36.20
C VAL A 200 -5.03 16.32 37.53
N ASP A 201 -6.02 16.10 38.40
CA ASP A 201 -5.81 15.51 39.75
C ASP A 201 -5.27 14.08 39.67
N SER A 202 -5.91 13.22 38.88
CA SER A 202 -5.40 11.86 38.63
C SER A 202 -3.88 11.80 38.73
N GLY A 203 -3.22 12.85 38.24
CA GLY A 203 -1.77 12.95 38.30
C GLY A 203 -1.12 12.18 37.17
N GLU A 204 -1.91 11.42 36.42
CA GLU A 204 -1.40 10.57 35.36
C GLU A 204 -1.15 11.36 34.06
N TYR A 205 -1.39 12.68 34.07
CA TYR A 205 -1.32 13.48 32.84
C TYR A 205 -0.74 14.86 33.08
N PRO A 206 0.54 14.92 33.49
CA PRO A 206 1.17 16.22 33.84
C PRO A 206 1.09 17.26 32.72
N MET A 207 1.54 16.89 31.52
CA MET A 207 1.59 17.80 30.38
C MET A 207 0.23 18.37 30.08
N PHE A 208 -0.77 17.50 29.97
CA PHE A 208 -2.16 17.94 29.82
C PHE A 208 -2.50 19.08 30.77
N ALA A 209 -2.10 18.90 32.03
CA ALA A 209 -2.38 19.88 33.07
C ALA A 209 -1.59 21.17 32.84
N ARG A 210 -0.29 21.03 32.55
CA ARG A 210 0.56 22.19 32.26
C ARG A 210 -0.01 23.05 31.14
N VAL A 211 -0.74 22.43 30.22
CA VAL A 211 -1.16 23.07 29.00
C VAL A 211 -2.66 23.42 28.96
N LEU A 212 -3.38 23.16 30.05
CA LEU A 212 -4.84 23.27 30.04
C LEU A 212 -5.33 24.70 29.97
N ALA A 213 -4.78 25.57 30.82
CA ALA A 213 -5.19 26.97 30.90
C ALA A 213 -5.19 27.60 29.51
N GLU A 214 -4.07 27.42 28.81
CA GLU A 214 -3.87 28.00 27.50
C GLU A 214 -4.77 27.32 26.46
N THR A 215 -5.05 26.03 26.65
CA THR A 215 -5.95 25.31 25.75
C THR A 215 -7.40 25.78 25.90
N VAL A 216 -7.82 26.02 27.14
CA VAL A 216 -9.18 26.44 27.45
C VAL A 216 -9.46 27.86 26.95
N ALA A 217 -8.54 28.79 27.25
CA ALA A 217 -8.71 30.19 26.90
C ALA A 217 -7.34 30.80 26.50
N PRO A 218 -6.95 30.67 25.21
CA PRO A 218 -5.62 31.06 24.74
C PRO A 218 -5.26 32.50 24.99
N HIS A 219 -3.97 32.73 25.21
CA HIS A 219 -3.41 34.05 25.56
C HIS A 219 -3.70 35.00 24.42
N MET A 220 -3.17 34.67 23.26
CA MET A 220 -3.42 35.44 22.04
C MET A 220 -4.52 34.75 21.21
N GLY A 221 -5.23 35.52 20.38
CA GLY A 221 -6.38 35.03 19.61
C GLY A 221 -6.04 34.58 18.20
N PRO A 222 -7.01 33.95 17.51
CA PRO A 222 -6.80 33.24 16.23
C PRO A 222 -5.99 33.99 15.20
N ASP A 223 -6.33 35.24 14.95
CA ASP A 223 -5.60 36.04 13.97
C ASP A 223 -4.12 36.13 14.34
N GLN A 224 -3.86 36.54 15.58
CA GLN A 224 -2.48 36.69 16.07
C GLN A 224 -1.73 35.33 15.96
N ARG A 225 -2.40 34.23 16.36
CA ARG A 225 -1.82 32.89 16.34
C ARG A 225 -1.54 32.40 14.93
N PHE A 226 -2.51 32.57 14.05
CA PHE A 226 -2.35 32.16 12.66
C PHE A 226 -1.14 32.82 12.08
N ARG A 227 -0.99 34.11 12.34
CA ARG A 227 0.13 34.86 11.80
C ARG A 227 1.49 34.37 12.31
N SER A 228 1.61 34.19 13.62
CA SER A 228 2.86 33.74 14.25
C SER A 228 3.35 32.46 13.62
N GLY A 229 2.50 31.45 13.61
CA GLY A 229 2.84 30.17 13.03
C GLY A 229 3.21 30.30 11.57
N LEU A 230 2.44 31.07 10.81
CA LEU A 230 2.77 31.29 9.40
C LEU A 230 4.16 31.91 9.28
N GLU A 231 4.39 32.96 10.07
CA GLU A 231 5.66 33.65 10.10
C GLU A 231 6.82 32.68 10.35
N ARG A 232 6.66 31.79 11.33
CA ARG A 232 7.66 30.76 11.65
C ARG A 232 7.84 29.83 10.45
N LEU A 233 6.73 29.30 9.94
CA LEU A 233 6.77 28.42 8.79
C LEU A 233 7.53 29.03 7.61
N LEU A 234 7.20 30.29 7.27
CA LEU A 234 7.88 30.96 6.16
C LEU A 234 9.37 31.06 6.46
N ASP A 235 9.71 31.39 7.70
CA ASP A 235 11.12 31.49 8.10
C ASP A 235 11.87 30.22 7.74
N SER A 236 11.28 29.07 8.03
CA SER A 236 11.93 27.79 7.74
C SER A 236 12.02 27.52 6.24
N ILE A 237 10.99 27.89 5.49
CA ILE A 237 11.06 27.76 4.03
C ILE A 237 12.23 28.60 3.52
N GLY A 238 12.36 29.82 4.05
CA GLY A 238 13.49 30.70 3.71
C GLY A 238 14.85 30.04 3.94
N ALA A 239 15.00 29.43 5.10
CA ALA A 239 16.19 28.64 5.42
C ALA A 239 16.42 27.53 4.39
N SER A 240 15.36 26.82 4.02
CA SER A 240 15.45 25.76 3.01
C SER A 240 15.88 26.28 1.64
N LEU A 241 15.51 27.51 1.31
CA LEU A 241 15.94 28.11 0.04
C LEU A 241 17.47 28.37 0.02
N ASP A 242 18.05 28.60 1.20
CA ASP A 242 19.48 28.86 1.35
C ASP A 242 20.20 27.56 1.73
N VAL B 7 -22.28 16.34 28.34
CA VAL B 7 -22.03 16.67 26.90
C VAL B 7 -20.58 16.39 26.48
N SER B 8 -20.16 15.18 26.80
CA SER B 8 -18.91 14.61 26.26
C SER B 8 -19.01 13.14 26.64
N ILE B 9 -18.42 12.23 25.87
CA ILE B 9 -18.63 10.80 26.15
C ILE B 9 -17.72 10.28 27.26
N TRP B 10 -16.64 11.01 27.54
CA TRP B 10 -15.71 10.58 28.59
C TRP B 10 -16.24 10.98 29.95
N MET B 11 -17.39 11.66 29.95
CA MET B 11 -18.12 12.02 31.16
C MET B 11 -19.43 11.24 31.26
N HIS B 12 -19.66 10.32 30.33
CA HIS B 12 -20.93 9.63 30.22
C HIS B 12 -20.63 8.13 30.15
N PRO B 13 -20.33 7.50 31.30
CA PRO B 13 -19.88 6.10 31.29
C PRO B 13 -21.01 5.14 30.98
N GLU B 14 -20.69 3.96 30.47
CA GLU B 14 -21.71 2.95 30.22
C GLU B 14 -22.37 2.53 31.56
N PRO B 15 -23.63 2.06 31.50
CA PRO B 15 -24.40 1.74 32.72
C PRO B 15 -23.79 0.63 33.58
N THR B 26 -22.19 -10.33 27.49
CA THR B 26 -21.50 -10.09 26.24
C THR B 26 -21.62 -8.61 25.80
N LEU B 27 -22.82 -8.17 25.43
CA LEU B 27 -22.97 -6.81 24.90
C LEU B 27 -22.52 -5.71 25.86
N SER B 28 -21.53 -4.93 25.42
CA SER B 28 -20.96 -3.82 26.19
C SER B 28 -20.47 -2.74 25.26
N ARG B 29 -20.18 -1.57 25.81
CA ARG B 29 -19.66 -0.49 24.98
C ARG B 29 -18.38 -0.93 24.30
N ASP B 30 -17.47 -1.45 25.10
CA ASP B 30 -16.16 -1.87 24.60
C ASP B 30 -16.29 -2.88 23.46
N GLN B 31 -17.34 -3.68 23.49
CA GLN B 31 -17.54 -4.70 22.49
C GLN B 31 -18.20 -4.15 21.22
N ILE B 32 -18.98 -3.10 21.37
CA ILE B 32 -19.64 -2.46 20.24
C ILE B 32 -18.61 -1.62 19.47
N VAL B 33 -17.75 -0.91 20.19
CA VAL B 33 -16.71 -0.13 19.57
C VAL B 33 -15.76 -1.02 18.76
N ARG B 34 -15.30 -2.12 19.37
CA ARG B 34 -14.35 -3.00 18.71
C ARG B 34 -14.96 -3.64 17.43
N ALA B 35 -16.28 -3.85 17.43
CA ALA B 35 -16.98 -4.38 16.25
C ALA B 35 -17.15 -3.32 15.17
N ALA B 36 -17.42 -2.08 15.59
CA ALA B 36 -17.55 -0.97 14.67
C ALA B 36 -16.23 -0.73 13.96
N VAL B 37 -15.13 -0.73 14.72
CA VAL B 37 -13.81 -0.66 14.12
C VAL B 37 -13.60 -1.76 13.08
N LYS B 38 -14.01 -2.99 13.39
CA LYS B 38 -13.79 -4.13 12.46
C LYS B 38 -14.59 -3.95 11.17
N VAL B 39 -15.83 -3.49 11.26
CA VAL B 39 -16.61 -3.22 10.06
C VAL B 39 -15.98 -2.07 9.27
N ALA B 40 -15.64 -0.99 9.98
CA ALA B 40 -15.03 0.19 9.36
C ALA B 40 -13.75 -0.14 8.61
N ASP B 41 -12.88 -0.95 9.21
CA ASP B 41 -11.64 -1.38 8.55
C ASP B 41 -11.95 -2.26 7.32
N THR B 42 -12.74 -3.30 7.53
CA THR B 42 -13.09 -4.29 6.49
C THR B 42 -13.82 -3.69 5.29
N GLU B 43 -14.85 -2.86 5.54
CA GLU B 43 -15.75 -2.37 4.49
C GLU B 43 -15.98 -0.87 4.51
N GLY B 44 -15.13 -0.12 5.22
CA GLY B 44 -15.21 1.36 5.20
C GLY B 44 -16.26 1.96 6.12
N VAL B 45 -15.93 3.08 6.73
CA VAL B 45 -16.77 3.71 7.75
C VAL B 45 -18.25 3.83 7.39
N GLU B 46 -18.56 4.01 6.11
CA GLU B 46 -19.95 4.16 5.66
C GLU B 46 -20.79 2.90 5.92
N ALA B 47 -20.12 1.75 5.92
CA ALA B 47 -20.74 0.46 6.22
C ALA B 47 -21.03 0.29 7.72
N ALA B 48 -20.22 0.92 8.57
CA ALA B 48 -20.36 0.77 10.03
C ALA B 48 -21.51 1.62 10.53
N SER B 49 -22.70 1.26 10.08
CA SER B 49 -23.94 1.85 10.54
C SER B 49 -24.49 1.04 11.70
N MET B 50 -25.43 1.63 12.41
CA MET B 50 -25.93 1.00 13.62
C MET B 50 -26.47 -0.39 13.32
N ARG B 51 -27.14 -0.56 12.18
CA ARG B 51 -27.74 -1.87 11.88
C ARG B 51 -26.68 -2.90 11.55
N ARG B 52 -25.68 -2.48 10.78
CA ARG B 52 -24.60 -3.36 10.36
C ARG B 52 -23.72 -3.79 11.53
N VAL B 53 -23.45 -2.88 12.46
CA VAL B 53 -22.64 -3.19 13.63
C VAL B 53 -23.43 -4.08 14.58
N ALA B 54 -24.74 -3.84 14.71
CA ALA B 54 -25.60 -4.71 15.51
C ALA B 54 -25.69 -6.10 14.88
N ALA B 55 -25.93 -6.17 13.57
CA ALA B 55 -25.91 -7.43 12.85
C ALA B 55 -24.61 -8.21 13.12
N GLU B 56 -23.48 -7.49 13.19
CA GLU B 56 -22.18 -8.11 13.42
C GLU B 56 -22.12 -8.79 14.78
N LEU B 57 -22.71 -8.15 15.78
CA LEU B 57 -22.72 -8.70 17.13
C LEU B 57 -23.83 -9.70 17.38
N GLY B 58 -24.79 -9.81 16.47
CA GLY B 58 -25.96 -10.67 16.68
C GLY B 58 -27.01 -9.96 17.50
N ALA B 59 -26.81 -8.66 17.73
CA ALA B 59 -27.69 -7.86 18.58
C ALA B 59 -28.75 -7.10 17.78
N GLY B 60 -29.78 -6.67 18.48
CA GLY B 60 -30.79 -5.78 17.88
C GLY B 60 -30.23 -4.38 17.71
N THR B 61 -30.67 -3.69 16.66
CA THR B 61 -30.11 -2.40 16.31
C THR B 61 -30.09 -1.46 17.51
N MET B 62 -31.27 -1.22 18.08
CA MET B 62 -31.39 -0.24 19.16
C MET B 62 -30.86 -0.73 20.52
N SER B 63 -30.42 -1.99 20.58
CA SER B 63 -29.79 -2.53 21.77
C SER B 63 -28.48 -1.81 22.04
N LEU B 64 -27.86 -1.32 20.96
CA LEU B 64 -26.57 -0.65 21.05
C LEU B 64 -26.70 0.69 21.75
N TYR B 65 -27.88 1.30 21.66
CA TYR B 65 -28.05 2.65 22.15
C TYR B 65 -28.07 2.73 23.65
N TYR B 66 -28.33 1.60 24.30
CA TYR B 66 -28.19 1.49 25.75
C TYR B 66 -26.75 1.74 26.21
N TYR B 67 -25.78 1.41 25.35
CA TYR B 67 -24.34 1.53 25.66
C TYR B 67 -23.67 2.76 25.03
N VAL B 68 -24.33 3.35 24.03
CA VAL B 68 -23.76 4.45 23.24
C VAL B 68 -24.87 5.42 22.81
N PRO B 69 -24.84 6.65 23.33
CA PRO B 69 -25.90 7.65 23.18
C PRO B 69 -26.29 8.00 21.73
N THR B 70 -25.28 8.23 20.90
CA THR B 70 -25.46 8.70 19.53
C THR B 70 -24.38 8.10 18.66
N LYS B 71 -24.54 8.13 17.34
CA LYS B 71 -23.50 7.60 16.48
C LYS B 71 -22.28 8.50 16.50
N GLU B 72 -22.51 9.81 16.56
CA GLU B 72 -21.39 10.76 16.66
C GLU B 72 -20.49 10.25 17.79
N ASP B 73 -21.11 9.86 18.90
CA ASP B 73 -20.38 9.36 20.06
C ASP B 73 -19.66 8.05 19.76
N LEU B 74 -20.33 7.11 19.12
CA LEU B 74 -19.67 5.85 18.78
C LEU B 74 -18.37 6.08 18.00
N VAL B 75 -18.38 7.07 17.09
CA VAL B 75 -17.19 7.36 16.28
C VAL B 75 -16.04 7.92 17.14
N GLU B 76 -16.37 8.80 18.10
CA GLU B 76 -15.32 9.29 19.02
C GLU B 76 -14.72 8.09 19.77
N LEU B 77 -15.57 7.20 20.25
CA LEU B 77 -15.07 6.03 20.93
C LEU B 77 -14.21 5.17 19.97
N MET B 78 -14.63 5.09 18.72
CA MET B 78 -13.87 4.36 17.73
C MET B 78 -12.50 4.99 17.57
N VAL B 79 -12.47 6.33 17.61
CA VAL B 79 -11.22 7.03 17.34
C VAL B 79 -10.21 6.77 18.42
N ASP B 80 -10.63 6.87 19.67
CA ASP B 80 -9.73 6.64 20.79
C ASP B 80 -9.31 5.20 20.78
N GLU B 81 -10.25 4.31 20.57
CA GLU B 81 -9.92 2.89 20.58
C GLU B 81 -8.70 2.64 19.73
N VAL B 82 -8.76 3.05 18.47
CA VAL B 82 -7.71 2.66 17.53
C VAL B 82 -6.40 3.34 17.89
N ILE B 83 -6.45 4.55 18.42
CA ILE B 83 -5.22 5.21 18.86
C ILE B 83 -4.43 4.34 19.82
N GLY B 84 -5.13 3.55 20.62
CA GLY B 84 -4.51 2.64 21.58
C GLY B 84 -3.59 1.58 20.98
N GLU B 85 -3.72 1.37 19.67
CA GLU B 85 -2.82 0.47 18.97
C GLU B 85 -1.38 0.99 18.88
N THR B 86 -1.16 2.27 19.18
CA THR B 86 0.16 2.88 19.10
C THR B 86 1.18 2.14 19.96
N ARG B 87 2.28 1.68 19.36
CA ARG B 87 3.40 1.09 20.11
C ARG B 87 4.42 2.22 20.47
N LEU B 88 4.33 2.71 21.71
CA LEU B 88 5.10 3.88 22.17
C LEU B 88 5.69 3.63 23.57
N PRO B 89 6.97 4.01 23.79
CA PRO B 89 7.57 3.98 25.13
C PRO B 89 6.84 4.89 26.13
N ASP B 90 7.08 4.70 27.43
CA ASP B 90 6.41 5.50 28.46
C ASP B 90 7.02 6.90 28.49
N ARG B 91 8.31 6.97 28.78
CA ARG B 91 9.05 8.23 28.74
C ARG B 91 9.48 8.44 27.28
N PRO B 92 9.51 9.70 26.82
CA PRO B 92 9.93 9.94 25.44
C PRO B 92 11.43 9.80 25.20
N GLY B 93 12.24 10.12 26.20
CA GLY B 93 13.69 10.04 26.08
C GLY B 93 14.28 11.42 25.87
N PRO B 94 15.62 11.52 25.84
CA PRO B 94 16.27 12.82 25.57
C PRO B 94 16.34 13.18 24.08
N ASP B 95 16.25 12.20 23.20
CA ASP B 95 16.35 12.44 21.78
C ASP B 95 14.98 12.84 21.26
N TRP B 96 14.64 14.12 21.44
CA TRP B 96 13.33 14.61 21.02
C TRP B 96 13.09 14.36 19.53
N ARG B 97 14.13 14.51 18.72
CA ARG B 97 14.02 14.23 17.29
C ARG B 97 13.58 12.78 17.04
N ALA B 98 14.26 11.84 17.69
CA ALA B 98 13.91 10.42 17.57
C ALA B 98 12.50 10.18 18.10
N ALA B 99 12.19 10.77 19.25
CA ALA B 99 10.88 10.62 19.88
C ALA B 99 9.75 11.07 18.95
N LEU B 100 9.86 12.29 18.45
CA LEU B 100 8.84 12.82 17.56
C LEU B 100 8.75 12.00 16.29
N THR B 101 9.89 11.55 15.76
CA THR B 101 9.89 10.75 14.52
C THR B 101 9.07 9.48 14.74
N LEU B 102 9.36 8.78 15.83
CA LEU B 102 8.63 7.56 16.16
C LEU B 102 7.11 7.83 16.27
N ALA B 103 6.75 8.88 17.00
CA ALA B 103 5.35 9.22 17.20
C ALA B 103 4.68 9.48 15.84
N ALA B 104 5.38 10.25 15.00
CA ALA B 104 4.94 10.53 13.65
C ALA B 104 4.75 9.28 12.81
N ASN B 105 5.75 8.38 12.83
CA ASN B 105 5.67 7.16 12.04
C ASN B 105 4.53 6.25 12.47
N GLU B 106 4.28 6.22 13.77
CA GLU B 106 3.26 5.34 14.32
C GLU B 106 1.88 5.87 13.98
N LYS B 107 1.73 7.19 14.01
CA LYS B 107 0.47 7.82 13.62
C LYS B 107 0.18 7.57 12.16
N ARG B 108 1.16 7.75 11.31
CA ARG B 108 0.96 7.47 9.90
C ARG B 108 0.58 6.01 9.74
N ALA B 109 1.33 5.12 10.37
CA ALA B 109 1.03 3.70 10.30
C ALA B 109 -0.41 3.44 10.68
N LEU B 110 -0.85 4.08 11.76
CA LEU B 110 -2.21 3.96 12.28
C LEU B 110 -3.23 4.39 11.27
N TRP B 111 -3.02 5.58 10.72
CA TRP B 111 -3.97 6.15 9.79
C TRP B 111 -4.13 5.31 8.53
N LEU B 112 -3.00 4.81 8.01
CA LEU B 112 -3.04 3.94 6.85
C LEU B 112 -3.80 2.66 7.18
N ARG B 113 -3.68 2.20 8.40
CA ARG B 113 -4.35 1.00 8.86
C ARG B 113 -5.85 1.25 9.08
N HIS B 114 -6.21 2.48 9.44
CA HIS B 114 -7.60 2.88 9.64
C HIS B 114 -7.89 4.17 8.88
N PRO B 115 -8.03 4.07 7.56
CA PRO B 115 -8.24 5.23 6.71
C PRO B 115 -9.39 6.15 7.10
N TRP B 116 -10.34 5.61 7.84
CA TRP B 116 -11.52 6.37 8.15
C TRP B 116 -11.25 7.45 9.18
N LEU B 117 -10.06 7.45 9.78
CA LEU B 117 -9.71 8.47 10.78
C LEU B 117 -9.77 9.87 10.22
N ALA B 118 -9.29 10.07 8.99
CA ALA B 118 -9.40 11.38 8.33
C ALA B 118 -10.85 11.86 8.20
N THR B 119 -11.75 10.98 7.76
CA THR B 119 -13.18 11.32 7.66
C THR B 119 -13.87 11.38 9.01
N ALA B 120 -13.59 10.41 9.87
CA ALA B 120 -14.35 10.24 11.09
C ALA B 120 -14.13 11.38 12.08
N TRP B 121 -12.89 11.81 12.23
CA TRP B 121 -12.56 12.86 13.19
C TRP B 121 -12.89 14.27 12.70
N ARG B 122 -14.02 14.81 13.20
CA ARG B 122 -14.66 16.05 12.71
C ARG B 122 -13.91 17.33 13.09
N ASN B 123 -12.88 17.21 13.94
CA ASN B 123 -11.87 18.28 14.18
C ASN B 123 -12.28 19.47 15.09
N GLY B 124 -13.43 19.38 15.76
CA GLY B 124 -13.87 20.42 16.67
C GLY B 124 -13.17 20.26 18.01
N HIS B 125 -13.91 19.74 18.98
CA HIS B 125 -13.35 19.53 20.31
C HIS B 125 -12.28 18.46 20.28
N PRO B 126 -11.27 18.57 21.16
CA PRO B 126 -10.28 17.53 21.26
C PRO B 126 -10.86 16.27 21.85
N VAL B 127 -10.28 15.13 21.49
CA VAL B 127 -10.71 13.85 22.02
C VAL B 127 -9.89 13.60 23.29
N TRP B 128 -10.56 13.63 24.45
CA TRP B 128 -9.91 13.45 25.76
C TRP B 128 -10.15 12.07 26.35
N GLY B 129 -10.21 11.07 25.50
CA GLY B 129 -10.16 9.67 25.93
C GLY B 129 -8.77 9.29 26.37
N PRO B 130 -8.65 8.15 27.08
CA PRO B 130 -7.38 7.71 27.63
C PRO B 130 -6.28 7.58 26.59
N ASN B 131 -6.56 6.94 25.47
CA ASN B 131 -5.51 6.67 24.51
C ASN B 131 -4.96 7.94 23.90
N SER B 132 -5.85 8.87 23.57
CA SER B 132 -5.45 10.17 23.03
C SER B 132 -4.61 10.93 24.03
N LEU B 133 -5.04 10.94 25.27
CA LEU B 133 -4.33 11.65 26.31
C LEU B 133 -2.94 11.05 26.54
N ARG B 134 -2.84 9.71 26.54
CA ARG B 134 -1.53 9.01 26.67
C ARG B 134 -0.65 9.45 25.51
N GLN B 135 -1.15 9.30 24.28
CA GLN B 135 -0.39 9.70 23.10
C GLN B 135 0.07 11.14 23.18
N GLN B 136 -0.82 12.05 23.60
CA GLN B 136 -0.45 13.47 23.64
C GLN B 136 0.58 13.75 24.72
N GLU B 137 0.48 13.06 25.85
CA GLU B 137 1.49 13.23 26.90
C GLU B 137 2.88 12.99 26.33
N PHE B 138 3.01 11.93 25.54
CA PHE B 138 4.29 11.58 24.93
C PHE B 138 4.80 12.66 24.00
N VAL B 139 3.92 13.19 23.16
CA VAL B 139 4.32 14.17 22.17
C VAL B 139 4.68 15.48 22.86
N LEU B 140 3.73 16.04 23.60
CA LEU B 140 3.97 17.25 24.40
C LEU B 140 5.19 17.08 25.29
N GLY B 141 5.39 15.85 25.77
CA GLY B 141 6.52 15.51 26.63
C GLY B 141 7.87 15.78 26.00
N THR B 142 8.01 15.45 24.73
CA THR B 142 9.30 15.56 24.06
C THR B 142 9.88 16.97 24.17
N LEU B 143 9.03 17.99 24.05
CA LEU B 143 9.49 19.39 24.16
C LEU B 143 9.25 20.05 25.53
N GLY B 144 8.75 19.29 26.50
CA GLY B 144 8.54 19.81 27.87
C GLY B 144 9.84 20.12 28.58
N VAL B 145 10.87 19.31 28.29
CA VAL B 145 12.23 19.49 28.82
C VAL B 145 12.74 20.93 28.64
N PHE B 146 12.50 21.51 27.47
CA PHE B 146 13.01 22.84 27.14
C PHE B 146 12.24 23.97 27.83
N ASP B 147 12.95 25.09 28.00
CA ASP B 147 12.44 26.25 28.72
C ASP B 147 11.61 27.13 27.79
N LEU B 148 10.39 26.69 27.45
CA LEU B 148 9.52 27.48 26.58
C LEU B 148 8.13 27.70 27.14
N GLN B 149 7.61 28.90 26.85
CA GLN B 149 6.27 29.31 27.26
C GLN B 149 5.26 28.28 26.78
N VAL B 150 4.20 28.12 27.56
CA VAL B 150 3.12 27.21 27.21
C VAL B 150 2.71 27.42 25.76
N ASP B 151 2.45 28.68 25.40
CA ASP B 151 1.94 29.00 24.06
C ASP B 151 2.95 28.76 22.93
N GLU B 152 4.24 28.78 23.26
CA GLU B 152 5.27 28.43 22.28
C GLU B 152 5.29 26.91 22.07
N LEU B 153 5.15 26.17 23.16
CA LEU B 153 5.12 24.72 23.10
C LEU B 153 3.95 24.25 22.22
N LEU B 154 2.77 24.83 22.43
CA LEU B 154 1.60 24.44 21.66
C LEU B 154 1.77 24.80 20.18
N SER B 155 2.39 25.94 19.92
CA SER B 155 2.63 26.36 18.55
C SER B 155 3.57 25.36 17.87
N LEU B 156 4.71 25.10 18.47
CA LEU B 156 5.68 24.19 17.89
C LEU B 156 5.11 22.80 17.65
N ILE B 157 4.29 22.31 18.57
CA ILE B 157 3.69 20.99 18.40
C ILE B 157 2.57 21.02 17.38
N GLY B 158 1.90 22.17 17.25
CA GLY B 158 0.90 22.36 16.19
C GLY B 158 1.50 22.26 14.80
N LEU B 159 2.66 22.88 14.62
CA LEU B 159 3.41 22.79 13.38
C LEU B 159 3.75 21.35 13.10
N TYR B 160 4.16 20.63 14.13
CA TYR B 160 4.45 19.20 13.99
C TYR B 160 3.20 18.44 13.58
N ASN B 161 2.17 18.47 14.42
CA ASN B 161 0.92 17.78 14.14
C ASN B 161 0.40 18.13 12.75
N GLY B 162 0.56 19.39 12.38
CA GLY B 162 0.16 19.86 11.05
C GLY B 162 0.80 19.03 9.95
N TYR B 163 2.12 19.05 9.88
CA TYR B 163 2.81 18.33 8.83
C TYR B 163 2.31 16.88 8.72
N VAL B 164 2.36 16.16 9.84
CA VAL B 164 1.99 14.74 9.84
C VAL B 164 0.55 14.53 9.34
N GLU B 165 -0.41 15.19 9.95
CA GLU B 165 -1.82 15.01 9.57
C GLU B 165 -2.12 15.31 8.10
N SER B 166 -1.64 16.45 7.63
CA SER B 166 -1.89 16.88 6.26
C SER B 166 -1.33 15.87 5.30
N PHE B 167 -0.08 15.47 5.50
CA PHE B 167 0.55 14.51 4.61
C PHE B 167 -0.30 13.26 4.57
N VAL B 168 -0.60 12.75 5.74
CA VAL B 168 -1.28 11.49 5.89
C VAL B 168 -2.74 11.58 5.46
N ARG B 169 -3.31 12.78 5.53
CA ARG B 169 -4.70 12.98 5.14
C ARG B 169 -4.88 12.81 3.62
N ASN B 170 -3.84 13.17 2.87
CA ASN B 170 -3.81 12.92 1.44
C ASN B 170 -3.56 11.49 1.10
N GLU B 171 -2.58 10.90 1.77
CA GLU B 171 -2.25 9.52 1.52
C GLU B 171 -3.51 8.66 1.64
N VAL B 172 -4.28 8.93 2.67
CA VAL B 172 -5.41 8.10 3.02
C VAL B 172 -6.59 8.49 2.15
N GLY B 173 -6.61 9.73 1.69
CA GLY B 173 -7.63 10.19 0.76
C GLY B 173 -7.69 9.33 -0.49
N TRP B 174 -6.54 9.16 -1.12
CA TRP B 174 -6.40 8.29 -2.29
C TRP B 174 -6.84 6.87 -1.99
N LEU B 175 -6.39 6.36 -0.85
CA LEU B 175 -6.75 5.00 -0.44
C LEU B 175 -8.26 4.83 -0.39
N GLU B 176 -8.95 5.73 0.29
CA GLU B 176 -10.39 5.63 0.43
C GLU B 176 -11.11 5.81 -0.88
N GLU B 177 -10.66 6.79 -1.66
CA GLU B 177 -11.18 6.96 -3.00
C GLU B 177 -11.09 5.66 -3.79
N ALA B 178 -9.91 5.04 -3.78
CA ALA B 178 -9.68 3.77 -4.47
C ALA B 178 -10.70 2.73 -4.04
N ARG B 179 -10.92 2.61 -2.74
CA ARG B 179 -11.98 1.72 -2.26
C ARG B 179 -13.31 2.06 -2.92
N ARG B 180 -13.79 3.28 -2.74
CA ARG B 180 -15.14 3.62 -3.17
C ARG B 180 -15.35 3.50 -4.66
N THR B 181 -14.37 3.95 -5.45
CA THR B 181 -14.54 4.04 -6.91
C THR B 181 -13.81 2.95 -7.68
N LYS B 182 -13.17 2.03 -6.96
CA LYS B 182 -12.29 1.01 -7.57
C LYS B 182 -11.27 1.56 -8.61
N VAL B 183 -10.92 2.85 -8.52
CA VAL B 183 -9.96 3.47 -9.42
C VAL B 183 -8.84 4.09 -8.61
N ASP B 184 -7.65 3.50 -8.67
CA ASP B 184 -6.55 3.96 -7.80
C ASP B 184 -5.83 5.17 -8.39
N MET B 185 -4.74 5.59 -7.78
CA MET B 185 -4.07 6.84 -8.17
C MET B 185 -3.40 6.77 -9.55
N ARG B 186 -2.64 5.68 -9.79
CA ARG B 186 -2.05 5.45 -11.12
C ARG B 186 -3.15 5.56 -12.18
N GLU B 187 -4.26 4.86 -11.92
CA GLU B 187 -5.37 4.80 -12.83
C GLU B 187 -6.06 6.15 -13.06
N TRP B 188 -6.23 6.92 -11.99
CA TRP B 188 -6.86 8.23 -12.10
C TRP B 188 -6.00 9.14 -12.94
N MET B 189 -4.71 9.20 -12.61
CA MET B 189 -3.78 10.03 -13.36
C MET B 189 -3.77 9.62 -14.83
N ARG B 190 -3.78 8.31 -15.08
CA ARG B 190 -3.79 7.79 -16.45
C ARG B 190 -5.00 8.34 -17.23
N ARG B 191 -6.19 8.21 -16.67
CA ARG B 191 -7.39 8.71 -17.33
C ARG B 191 -7.51 10.25 -17.39
N SER B 192 -6.77 10.95 -16.56
CA SER B 192 -6.77 12.41 -16.64
C SER B 192 -5.72 12.96 -17.62
N GLY B 193 -4.79 12.10 -18.07
CA GLY B 193 -3.75 12.51 -19.01
C GLY B 193 -4.21 13.43 -20.13
N PRO B 194 -5.24 13.00 -20.88
CA PRO B 194 -5.87 13.79 -21.93
C PRO B 194 -6.19 15.20 -21.50
N TYR B 195 -6.87 15.34 -20.36
CA TYR B 195 -7.28 16.64 -19.90
C TYR B 195 -6.08 17.44 -19.44
N ALA B 196 -5.10 16.76 -18.85
CA ALA B 196 -3.88 17.42 -18.40
C ALA B 196 -3.17 17.99 -19.62
N GLN B 197 -3.11 17.19 -20.69
CA GLN B 197 -2.57 17.66 -21.96
C GLN B 197 -3.21 18.98 -22.38
N GLN B 198 -4.56 18.97 -22.44
CA GLN B 198 -5.31 20.15 -22.82
C GLN B 198 -4.91 21.33 -21.93
N LEU B 199 -4.82 21.08 -20.63
CA LEU B 199 -4.44 22.12 -19.69
C LEU B 199 -3.03 22.61 -19.98
N VAL B 200 -2.10 21.68 -20.19
CA VAL B 200 -0.69 22.05 -20.47
C VAL B 200 -0.61 22.93 -21.73
N ASP B 201 -1.27 22.47 -22.79
CA ASP B 201 -1.28 23.15 -24.10
C ASP B 201 -1.94 24.51 -24.03
N SER B 202 -3.14 24.59 -23.45
CA SER B 202 -3.81 25.88 -23.22
C SER B 202 -2.82 27.02 -22.99
N GLY B 203 -1.72 26.71 -22.30
CA GLY B 203 -0.67 27.68 -22.06
C GLY B 203 -1.00 28.60 -20.91
N GLU B 204 -2.23 28.50 -20.41
CA GLU B 204 -2.70 29.36 -19.33
C GLU B 204 -2.22 28.83 -17.95
N TYR B 205 -1.45 27.74 -17.90
CA TYR B 205 -1.07 27.11 -16.61
C TYR B 205 0.37 26.57 -16.61
N PRO B 206 1.35 27.47 -16.71
CA PRO B 206 2.76 27.05 -16.83
C PRO B 206 3.23 26.17 -15.68
N MET B 207 3.02 26.63 -14.44
CA MET B 207 3.46 25.90 -13.26
C MET B 207 2.88 24.50 -13.25
N PHE B 208 1.57 24.39 -13.42
CA PHE B 208 0.92 23.10 -13.51
C PHE B 208 1.70 22.15 -14.41
N ALA B 209 2.10 22.66 -15.57
CA ALA B 209 2.81 21.86 -16.56
C ALA B 209 4.22 21.51 -16.04
N ARG B 210 4.93 22.49 -15.47
CA ARG B 210 6.26 22.26 -14.90
C ARG B 210 6.26 21.14 -13.87
N VAL B 211 5.15 20.98 -13.19
CA VAL B 211 5.08 20.10 -12.03
C VAL B 211 4.28 18.80 -12.29
N LEU B 212 3.83 18.59 -13.53
CA LEU B 212 2.92 17.48 -13.84
C LEU B 212 3.59 16.10 -13.74
N ALA B 213 4.77 15.95 -14.33
CA ALA B 213 5.48 14.65 -14.36
C ALA B 213 5.60 14.09 -12.96
N GLU B 214 6.11 14.93 -12.07
CA GLU B 214 6.35 14.53 -10.70
C GLU B 214 5.03 14.29 -9.95
N THR B 215 3.98 15.04 -10.31
CA THR B 215 2.65 14.85 -9.71
C THR B 215 2.04 13.52 -10.12
N VAL B 216 2.19 13.15 -11.40
CA VAL B 216 1.59 11.92 -11.93
C VAL B 216 2.31 10.70 -11.37
N ALA B 217 3.64 10.70 -11.40
CA ALA B 217 4.43 9.56 -10.94
C ALA B 217 5.67 10.05 -10.22
N PRO B 218 5.56 10.29 -8.91
CA PRO B 218 6.64 10.89 -8.13
C PRO B 218 7.92 10.10 -8.17
N HIS B 219 9.02 10.84 -8.10
CA HIS B 219 10.35 10.26 -8.22
C HIS B 219 10.56 9.30 -7.07
N MET B 220 10.49 9.81 -5.85
CA MET B 220 10.60 9.01 -4.64
C MET B 220 9.18 8.70 -4.12
N GLY B 221 9.04 7.60 -3.38
CA GLY B 221 7.74 7.16 -2.88
C GLY B 221 7.36 7.66 -1.49
N PRO B 222 6.09 7.45 -1.09
CA PRO B 222 5.51 8.00 0.13
C PRO B 222 6.38 7.93 1.40
N ASP B 223 6.95 6.77 1.69
CA ASP B 223 7.82 6.65 2.85
C ASP B 223 8.98 7.63 2.81
N GLN B 224 9.72 7.62 1.70
CA GLN B 224 10.87 8.54 1.53
C GLN B 224 10.42 9.97 1.70
N ARG B 225 9.30 10.31 1.06
CA ARG B 225 8.81 11.68 1.04
C ARG B 225 8.35 12.14 2.41
N PHE B 226 7.60 11.29 3.09
CA PHE B 226 7.14 11.59 4.44
C PHE B 226 8.31 11.89 5.36
N ARG B 227 9.36 11.07 5.24
CA ARG B 227 10.55 11.25 6.05
C ARG B 227 11.29 12.58 5.79
N SER B 228 11.52 12.90 4.52
CA SER B 228 12.22 14.14 4.13
C SER B 228 11.56 15.35 4.75
N GLY B 229 10.26 15.50 4.50
CA GLY B 229 9.51 16.63 5.03
C GLY B 229 9.57 16.67 6.54
N LEU B 230 9.40 15.52 7.18
CA LEU B 230 9.47 15.47 8.63
C LEU B 230 10.84 15.95 9.08
N GLU B 231 11.87 15.42 8.45
CA GLU B 231 13.27 15.77 8.76
C GLU B 231 13.48 17.28 8.69
N ARG B 232 12.96 17.90 7.63
CA ARG B 232 13.03 19.35 7.47
C ARG B 232 12.27 20.02 8.62
N LEU B 233 11.02 19.61 8.82
CA LEU B 233 10.19 20.19 9.87
C LEU B 233 10.89 20.16 11.23
N LEU B 234 11.43 19.00 11.59
CA LEU B 234 12.15 18.87 12.86
C LEU B 234 13.33 19.83 12.90
N ASP B 235 14.06 19.93 11.79
CA ASP B 235 15.20 20.87 11.71
C ASP B 235 14.77 22.28 12.10
N SER B 236 13.62 22.73 11.60
CA SER B 236 13.13 24.07 11.92
C SER B 236 12.70 24.19 13.40
N ILE B 237 12.09 23.14 13.94
CA ILE B 237 11.74 23.16 15.37
C ILE B 237 13.02 23.30 16.18
N GLY B 238 14.07 22.58 15.78
CA GLY B 238 15.38 22.69 16.42
C GLY B 238 15.90 24.11 16.42
N ALA B 239 15.84 24.75 15.26
CA ALA B 239 16.22 26.16 15.11
C ALA B 239 15.41 27.05 16.07
N SER B 240 14.11 26.80 16.16
CA SER B 240 13.24 27.54 17.06
C SER B 240 13.65 27.36 18.52
N LEU B 241 14.17 26.21 18.88
CA LEU B 241 14.60 25.99 20.28
C LEU B 241 15.78 26.89 20.70
N ASP B 242 16.54 27.41 19.73
CA ASP B 242 17.69 28.28 20.02
C ASP B 242 17.33 29.74 19.70
N VAL C 7 5.07 -26.87 -29.28
CA VAL C 7 4.39 -25.57 -29.54
C VAL C 7 4.40 -24.71 -28.21
N SER C 8 4.02 -23.43 -28.28
CA SER C 8 3.83 -22.52 -27.14
C SER C 8 2.66 -21.65 -27.62
N ILE C 9 2.28 -20.56 -26.92
CA ILE C 9 1.17 -19.72 -27.40
C ILE C 9 1.60 -18.55 -28.29
N TRP C 10 2.87 -18.17 -28.20
CA TRP C 10 3.37 -17.07 -29.00
C TRP C 10 3.67 -17.56 -30.41
N MET C 11 3.45 -18.85 -30.64
CA MET C 11 3.55 -19.48 -31.95
C MET C 11 2.19 -19.94 -32.45
N HIS C 12 1.13 -19.65 -31.69
CA HIS C 12 -0.21 -20.18 -31.98
C HIS C 12 -1.19 -19.01 -31.99
N PRO C 13 -1.24 -18.26 -33.10
CA PRO C 13 -2.04 -17.04 -33.13
C PRO C 13 -3.52 -17.35 -33.18
N GLU C 14 -4.35 -16.40 -32.76
CA GLU C 14 -5.80 -16.57 -32.86
C GLU C 14 -6.21 -16.68 -34.33
N PRO C 15 -7.34 -17.37 -34.61
CA PRO C 15 -7.77 -17.63 -35.98
C PRO C 15 -8.10 -16.38 -36.80
N ALA C 16 -7.69 -16.36 -38.06
CA ALA C 16 -8.05 -15.23 -38.92
C ALA C 16 -9.59 -15.19 -39.04
N GLY C 17 -10.16 -13.99 -38.93
CA GLY C 17 -11.57 -13.80 -39.23
C GLY C 17 -11.86 -14.00 -40.73
N ARG C 18 -13.07 -14.44 -41.04
CA ARG C 18 -13.47 -14.57 -42.44
C ARG C 18 -13.49 -13.21 -43.12
N ARG C 19 -13.22 -13.19 -44.43
CA ARG C 19 -13.16 -11.95 -45.23
C ARG C 19 -14.56 -11.37 -45.41
N SER C 20 -14.77 -10.15 -44.90
CA SER C 20 -16.09 -9.49 -45.01
C SER C 20 -16.03 -8.03 -44.59
N ALA C 21 -16.72 -7.18 -45.36
CA ALA C 21 -16.73 -5.73 -45.11
C ALA C 21 -17.54 -5.34 -43.87
N ARG C 22 -18.28 -6.30 -43.32
CA ARG C 22 -19.28 -6.02 -42.27
C ARG C 22 -18.71 -6.01 -40.87
N SER C 23 -19.51 -5.51 -39.93
CA SER C 23 -19.14 -5.42 -38.52
C SER C 23 -18.36 -6.65 -38.00
N HIS C 24 -17.18 -6.40 -37.43
CA HIS C 24 -16.48 -7.36 -36.57
C HIS C 24 -17.45 -7.87 -35.49
N ARG C 25 -17.04 -8.89 -34.75
CA ARG C 25 -17.89 -9.42 -33.69
C ARG C 25 -17.14 -9.68 -32.38
N THR C 26 -16.86 -8.57 -31.71
CA THR C 26 -16.54 -8.54 -30.29
C THR C 26 -15.56 -9.63 -29.78
N LEU C 27 -16.02 -10.87 -29.63
CA LEU C 27 -15.18 -11.91 -29.01
C LEU C 27 -13.85 -12.16 -29.72
N SER C 28 -12.76 -11.93 -29.01
CA SER C 28 -11.41 -12.11 -29.53
C SER C 28 -10.50 -12.54 -28.40
N ARG C 29 -9.32 -13.02 -28.74
CA ARG C 29 -8.36 -13.39 -27.71
C ARG C 29 -8.06 -12.18 -26.82
N ASP C 30 -7.71 -11.07 -27.45
CA ASP C 30 -7.33 -9.87 -26.72
C ASP C 30 -8.42 -9.41 -25.74
N GLN C 31 -9.66 -9.68 -26.09
CA GLN C 31 -10.79 -9.29 -25.26
C GLN C 31 -11.01 -10.27 -24.11
N ILE C 32 -10.67 -11.54 -24.33
CA ILE C 32 -10.84 -12.56 -23.31
C ILE C 32 -9.76 -12.38 -22.26
N VAL C 33 -8.54 -12.11 -22.70
CA VAL C 33 -7.42 -11.91 -21.77
C VAL C 33 -7.71 -10.73 -20.86
N ARG C 34 -8.12 -9.63 -21.46
CA ARG C 34 -8.34 -8.41 -20.69
C ARG C 34 -9.48 -8.59 -19.66
N ALA C 35 -10.47 -9.44 -19.98
CA ALA C 35 -11.57 -9.74 -19.06
C ALA C 35 -11.10 -10.66 -17.92
N ALA C 36 -10.23 -11.63 -18.26
CA ALA C 36 -9.69 -12.56 -17.26
C ALA C 36 -8.83 -11.79 -16.26
N VAL C 37 -8.00 -10.88 -16.76
CA VAL C 37 -7.23 -9.98 -15.89
C VAL C 37 -8.18 -9.20 -14.95
N LYS C 38 -9.30 -8.68 -15.47
CA LYS C 38 -10.21 -7.89 -14.66
C LYS C 38 -10.85 -8.73 -13.53
N VAL C 39 -11.26 -9.94 -13.85
CA VAL C 39 -11.81 -10.83 -12.82
C VAL C 39 -10.75 -11.19 -11.79
N ALA C 40 -9.56 -11.57 -12.27
CA ALA C 40 -8.44 -11.92 -11.43
C ALA C 40 -8.10 -10.83 -10.42
N ASP C 41 -8.02 -9.59 -10.90
CA ASP C 41 -7.75 -8.45 -10.01
C ASP C 41 -8.88 -8.22 -9.01
N THR C 42 -10.10 -8.13 -9.52
CA THR C 42 -11.30 -7.88 -8.71
C THR C 42 -11.58 -8.95 -7.66
N GLU C 43 -11.54 -10.24 -8.04
CA GLU C 43 -11.94 -11.34 -7.16
C GLU C 43 -10.93 -12.50 -7.06
N GLY C 44 -9.68 -12.28 -7.46
CA GLY C 44 -8.64 -13.28 -7.28
C GLY C 44 -8.64 -14.35 -8.34
N VAL C 45 -7.43 -14.77 -8.73
CA VAL C 45 -7.22 -15.72 -9.83
C VAL C 45 -8.14 -16.96 -9.83
N GLU C 46 -8.50 -17.45 -8.64
CA GLU C 46 -9.33 -18.65 -8.54
C GLU C 46 -10.71 -18.44 -9.13
N ALA C 47 -11.18 -17.17 -9.11
CA ALA C 47 -12.46 -16.78 -9.71
C ALA C 47 -12.40 -16.72 -11.23
N ALA C 48 -11.23 -16.41 -11.79
CA ALA C 48 -11.09 -16.25 -13.24
C ALA C 48 -11.03 -17.61 -13.91
N SER C 49 -12.14 -18.34 -13.81
CA SER C 49 -12.34 -19.61 -14.47
C SER C 49 -13.02 -19.39 -15.81
N MET C 50 -13.00 -20.41 -16.64
CA MET C 50 -13.51 -20.28 -17.99
C MET C 50 -14.97 -19.85 -17.97
N ARG C 51 -15.75 -20.36 -17.04
CA ARG C 51 -17.16 -20.02 -17.02
C ARG C 51 -17.35 -18.57 -16.59
N ARG C 52 -16.60 -18.16 -15.58
CA ARG C 52 -16.73 -16.83 -15.02
C ARG C 52 -16.28 -15.77 -15.99
N VAL C 53 -15.22 -16.05 -16.75
CA VAL C 53 -14.71 -15.10 -17.73
C VAL C 53 -15.67 -15.01 -18.93
N ALA C 54 -16.23 -16.15 -19.32
CA ALA C 54 -17.21 -16.15 -20.40
C ALA C 54 -18.46 -15.39 -19.95
N ALA C 55 -18.94 -15.68 -18.75
CA ALA C 55 -20.06 -14.95 -18.18
C ALA C 55 -19.83 -13.44 -18.24
N GLU C 56 -18.60 -13.03 -17.95
CA GLU C 56 -18.23 -11.62 -17.94
C GLU C 56 -18.41 -10.98 -19.32
N LEU C 57 -18.05 -11.73 -20.36
CA LEU C 57 -18.15 -11.23 -21.73
C LEU C 57 -19.52 -11.41 -22.33
N GLY C 58 -20.39 -12.18 -21.69
CA GLY C 58 -21.69 -12.51 -22.26
C GLY C 58 -21.59 -13.66 -23.23
N ALA C 59 -20.44 -14.33 -23.26
CA ALA C 59 -20.19 -15.43 -24.19
C ALA C 59 -20.50 -16.79 -23.56
N GLY C 60 -20.66 -17.80 -24.41
CA GLY C 60 -20.73 -19.18 -23.94
C GLY C 60 -19.36 -19.68 -23.49
N THR C 61 -19.34 -20.57 -22.49
CA THR C 61 -18.10 -20.99 -21.87
C THR C 61 -17.12 -21.47 -22.93
N MET C 62 -17.52 -22.47 -23.70
CA MET C 62 -16.60 -23.09 -24.66
C MET C 62 -16.34 -22.23 -25.92
N SER C 63 -17.02 -21.09 -26.02
CA SER C 63 -16.77 -20.13 -27.10
C SER C 63 -15.38 -19.55 -26.97
N LEU C 64 -14.88 -19.52 -25.74
CA LEU C 64 -13.57 -18.95 -25.48
C LEU C 64 -12.48 -19.83 -26.05
N TYR C 65 -12.73 -21.13 -26.13
CA TYR C 65 -11.69 -22.07 -26.50
C TYR C 65 -11.30 -21.98 -27.96
N TYR C 66 -12.17 -21.39 -28.77
CA TYR C 66 -11.86 -21.08 -30.17
C TYR C 66 -10.69 -20.09 -30.24
N TYR C 67 -10.54 -19.23 -29.23
CA TYR C 67 -9.51 -18.19 -29.22
C TYR C 67 -8.31 -18.55 -28.34
N VAL C 68 -8.49 -19.51 -27.44
CA VAL C 68 -7.49 -19.86 -26.44
C VAL C 68 -7.52 -21.36 -26.15
N PRO C 69 -6.45 -22.06 -26.54
CA PRO C 69 -6.37 -23.53 -26.52
C PRO C 69 -6.65 -24.21 -25.18
N THR C 70 -6.05 -23.67 -24.13
CA THR C 70 -6.12 -24.25 -22.78
C THR C 70 -6.10 -23.12 -21.76
N LYS C 71 -6.47 -23.42 -20.51
CA LYS C 71 -6.41 -22.38 -19.48
C LYS C 71 -4.97 -22.03 -19.13
N GLU C 72 -4.10 -23.05 -19.13
CA GLU C 72 -2.68 -22.81 -18.88
C GLU C 72 -2.24 -21.67 -19.80
N ASP C 73 -2.68 -21.75 -21.07
CA ASP C 73 -2.36 -20.75 -22.09
C ASP C 73 -2.95 -19.39 -21.76
N LEU C 74 -4.22 -19.36 -21.39
CA LEU C 74 -4.85 -18.09 -21.02
C LEU C 74 -4.06 -17.34 -19.94
N VAL C 75 -3.54 -18.07 -18.97
CA VAL C 75 -2.79 -17.47 -17.86
C VAL C 75 -1.44 -16.87 -18.35
N GLU C 76 -0.73 -17.56 -19.25
CA GLU C 76 0.49 -16.99 -19.83
C GLU C 76 0.12 -15.68 -20.53
N LEU C 77 -0.94 -15.70 -21.33
CA LEU C 77 -1.36 -14.47 -21.99
C LEU C 77 -1.70 -13.39 -20.97
N MET C 78 -2.32 -13.80 -19.86
CA MET C 78 -2.66 -12.86 -18.81
C MET C 78 -1.38 -12.25 -18.26
N VAL C 79 -0.34 -13.07 -18.14
CA VAL C 79 0.89 -12.65 -17.48
C VAL C 79 1.56 -11.58 -18.32
N ASP C 80 1.66 -11.83 -19.61
CA ASP C 80 2.32 -10.88 -20.48
C ASP C 80 1.48 -9.61 -20.55
N GLU C 81 0.16 -9.76 -20.67
CA GLU C 81 -0.71 -8.58 -20.77
C GLU C 81 -0.38 -7.57 -19.66
N VAL C 82 -0.41 -8.05 -18.41
CA VAL C 82 -0.24 -7.14 -17.29
C VAL C 82 1.16 -6.55 -17.23
N ILE C 83 2.18 -7.32 -17.62
CA ILE C 83 3.55 -6.78 -17.65
C ILE C 83 3.62 -5.51 -18.49
N GLY C 84 2.78 -5.43 -19.54
CA GLY C 84 2.69 -4.24 -20.39
C GLY C 84 2.32 -2.94 -19.68
N GLU C 85 1.78 -3.04 -18.48
CA GLU C 85 1.50 -1.87 -17.66
C GLU C 85 2.76 -1.16 -17.15
N THR C 86 3.92 -1.81 -17.25
CA THR C 86 5.18 -1.22 -16.78
C THR C 86 5.48 0.12 -17.47
N ARG C 87 5.66 1.15 -16.67
CA ARG C 87 6.07 2.46 -17.17
C ARG C 87 7.58 2.54 -17.14
N LEU C 88 8.20 2.36 -18.31
CA LEU C 88 9.65 2.28 -18.41
C LEU C 88 10.16 3.10 -19.61
N PRO C 89 11.27 3.85 -19.44
CA PRO C 89 11.93 4.52 -20.55
C PRO C 89 12.42 3.53 -21.59
N ASP C 90 12.72 4.02 -22.79
CA ASP C 90 13.14 3.14 -23.88
C ASP C 90 14.56 2.65 -23.61
N ARG C 91 15.50 3.58 -23.53
CA ARG C 91 16.88 3.27 -23.20
C ARG C 91 16.99 3.28 -21.68
N PRO C 92 17.84 2.43 -21.10
CA PRO C 92 17.95 2.40 -19.64
C PRO C 92 18.72 3.56 -19.06
N GLY C 93 19.70 4.09 -19.81
CA GLY C 93 20.51 5.22 -19.34
C GLY C 93 21.86 4.74 -18.84
N PRO C 94 22.75 5.67 -18.48
CA PRO C 94 24.07 5.31 -17.95
C PRO C 94 24.04 4.96 -16.46
N ASP C 95 23.04 5.42 -15.72
CA ASP C 95 22.95 5.16 -14.30
C ASP C 95 22.29 3.80 -14.09
N TRP C 96 23.06 2.74 -14.24
CA TRP C 96 22.53 1.39 -14.10
C TRP C 96 21.85 1.21 -12.74
N ARG C 97 22.41 1.80 -11.70
CA ARG C 97 21.79 1.73 -10.38
C ARG C 97 20.38 2.33 -10.40
N ALA C 98 20.25 3.52 -10.99
CA ALA C 98 18.94 4.18 -11.13
C ALA C 98 17.99 3.36 -12.00
N ALA C 99 18.52 2.86 -13.11
CA ALA C 99 17.74 2.03 -14.04
C ALA C 99 17.17 0.78 -13.36
N LEU C 100 18.05 0.01 -12.72
CA LEU C 100 17.61 -1.20 -12.04
C LEU C 100 16.64 -0.88 -10.90
N THR C 101 16.87 0.22 -10.18
CA THR C 101 15.96 0.62 -9.10
C THR C 101 14.56 0.82 -9.64
N LEU C 102 14.47 1.60 -10.70
CA LEU C 102 13.19 1.88 -11.30
C LEU C 102 12.49 0.57 -11.74
N ALA C 103 13.25 -0.30 -12.41
CA ALA C 103 12.71 -1.54 -12.91
C ALA C 103 12.14 -2.36 -11.77
N ALA C 104 12.93 -2.43 -10.69
CA ALA C 104 12.56 -3.14 -9.47
C ALA C 104 11.29 -2.58 -8.86
N ASN C 105 11.22 -1.26 -8.76
CA ASN C 105 10.06 -0.63 -8.14
C ASN C 105 8.80 -0.84 -8.94
N GLU C 106 8.94 -0.87 -10.27
CA GLU C 106 7.79 -1.00 -11.16
C GLU C 106 7.26 -2.43 -11.13
N LYS C 107 8.17 -3.39 -11.05
CA LYS C 107 7.80 -4.79 -10.88
C LYS C 107 7.07 -5.02 -9.57
N ARG C 108 7.61 -4.51 -8.47
CA ARG C 108 6.93 -4.62 -7.20
C ARG C 108 5.55 -3.97 -7.31
N ALA C 109 5.49 -2.75 -7.85
CA ALA C 109 4.23 -2.04 -8.00
C ALA C 109 3.24 -2.91 -8.75
N LEU C 110 3.73 -3.54 -9.81
CA LEU C 110 2.92 -4.42 -10.66
C LEU C 110 2.37 -5.59 -9.90
N TRP C 111 3.26 -6.26 -9.18
CA TRP C 111 2.89 -7.45 -8.45
C TRP C 111 1.87 -7.18 -7.37
N LEU C 112 2.05 -6.07 -6.66
CA LEU C 112 1.10 -5.66 -5.64
C LEU C 112 -0.25 -5.38 -6.28
N ARG C 113 -0.21 -4.83 -7.49
CA ARG C 113 -1.42 -4.51 -8.21
C ARG C 113 -2.12 -5.77 -8.74
N HIS C 114 -1.33 -6.81 -9.05
CA HIS C 114 -1.83 -8.08 -9.54
C HIS C 114 -1.20 -9.24 -8.75
N PRO C 115 -1.67 -9.43 -7.52
CA PRO C 115 -1.11 -10.42 -6.62
C PRO C 115 -1.04 -11.82 -7.21
N TRP C 116 -1.86 -12.10 -8.21
CA TRP C 116 -1.96 -13.45 -8.73
C TRP C 116 -0.75 -13.83 -9.58
N LEU C 117 0.13 -12.87 -9.87
CA LEU C 117 1.34 -13.14 -10.63
C LEU C 117 2.22 -14.18 -9.94
N ALA C 118 2.37 -14.09 -8.62
CA ALA C 118 3.10 -15.11 -7.86
C ALA C 118 2.53 -16.51 -8.04
N THR C 119 1.22 -16.67 -7.93
CA THR C 119 0.57 -17.97 -8.16
C THR C 119 0.54 -18.39 -9.62
N ALA C 120 0.24 -17.44 -10.50
CA ALA C 120 -0.02 -17.76 -11.90
C ALA C 120 1.21 -18.25 -12.60
N TRP C 121 2.32 -17.56 -12.39
CA TRP C 121 3.54 -17.85 -13.12
C TRP C 121 4.30 -19.08 -12.58
N ARG C 122 4.16 -20.20 -13.31
CA ARG C 122 4.61 -21.54 -12.86
C ARG C 122 6.13 -21.72 -12.90
N ASN C 123 6.84 -20.75 -13.47
CA ASN C 123 8.31 -20.63 -13.37
C ASN C 123 9.21 -21.56 -14.23
N GLY C 124 8.61 -22.32 -15.14
CA GLY C 124 9.37 -23.25 -15.98
C GLY C 124 10.01 -22.54 -17.16
N HIS C 125 9.40 -22.69 -18.33
CA HIS C 125 9.83 -21.97 -19.51
C HIS C 125 9.65 -20.45 -19.34
N PRO C 126 10.52 -19.65 -19.95
CA PRO C 126 10.33 -18.21 -19.91
C PRO C 126 9.15 -17.79 -20.77
N VAL C 127 8.55 -16.65 -20.41
CA VAL C 127 7.46 -16.09 -21.19
C VAL C 127 8.07 -15.19 -22.23
N TRP C 128 7.95 -15.59 -23.50
CA TRP C 128 8.48 -14.82 -24.62
C TRP C 128 7.44 -14.01 -25.41
N GLY C 129 6.45 -13.51 -24.69
CA GLY C 129 5.54 -12.52 -25.24
C GLY C 129 6.22 -11.16 -25.38
N PRO C 130 5.60 -10.24 -26.12
CA PRO C 130 6.16 -8.92 -26.40
C PRO C 130 6.50 -8.11 -25.16
N ASN C 131 5.57 -8.06 -24.20
CA ASN C 131 5.78 -7.23 -23.02
C ASN C 131 6.92 -7.72 -22.16
N SER C 132 7.00 -9.03 -21.95
CA SER C 132 8.11 -9.64 -21.21
C SER C 132 9.44 -9.37 -21.90
N LEU C 133 9.48 -9.54 -23.20
CA LEU C 133 10.71 -9.33 -23.93
C LEU C 133 11.14 -7.87 -23.87
N ARG C 134 10.20 -6.93 -23.98
CA ARG C 134 10.51 -5.48 -23.84
C ARG C 134 11.11 -5.25 -22.46
N GLN C 135 10.40 -5.68 -21.41
CA GLN C 135 10.85 -5.50 -20.05
C GLN C 135 12.24 -6.10 -19.85
N GLN C 136 12.49 -7.29 -20.40
CA GLN C 136 13.78 -7.95 -20.22
C GLN C 136 14.88 -7.20 -20.96
N GLU C 137 14.58 -6.67 -22.14
CA GLU C 137 15.56 -5.88 -22.87
C GLU C 137 16.10 -4.77 -21.98
N PHE C 138 15.20 -4.09 -21.29
CA PHE C 138 15.56 -2.98 -20.42
C PHE C 138 16.46 -3.40 -19.26
N VAL C 139 16.11 -4.50 -18.62
CA VAL C 139 16.89 -4.98 -17.49
C VAL C 139 18.26 -5.46 -17.96
N LEU C 140 18.28 -6.45 -18.85
CA LEU C 140 19.53 -6.95 -19.45
C LEU C 140 20.36 -5.81 -20.02
N GLY C 141 19.67 -4.81 -20.53
CA GLY C 141 20.30 -3.62 -21.10
C GLY C 141 21.17 -2.86 -20.13
N THR C 142 20.71 -2.70 -18.90
CA THR C 142 21.44 -1.90 -17.94
C THR C 142 22.88 -2.36 -17.78
N LEU C 143 23.10 -3.67 -17.78
CA LEU C 143 24.46 -4.22 -17.61
C LEU C 143 25.13 -4.64 -18.92
N GLY C 144 24.47 -4.40 -20.06
CA GLY C 144 25.07 -4.73 -21.37
C GLY C 144 26.28 -3.86 -21.71
N VAL C 145 26.23 -2.60 -21.25
CA VAL C 145 27.33 -1.64 -21.41
C VAL C 145 28.67 -2.23 -20.98
N PHE C 146 28.69 -2.94 -19.85
CA PHE C 146 29.94 -3.44 -19.28
C PHE C 146 30.49 -4.65 -20.04
N ASP C 147 31.82 -4.83 -19.96
CA ASP C 147 32.53 -5.87 -20.68
C ASP C 147 32.49 -7.20 -19.90
N LEU C 148 31.33 -7.87 -19.91
CA LEU C 148 31.20 -9.16 -19.21
C LEU C 148 30.64 -10.28 -20.08
N GLN C 149 31.13 -11.48 -19.79
CA GLN C 149 30.68 -12.71 -20.45
C GLN C 149 29.18 -12.85 -20.33
N VAL C 150 28.57 -13.44 -21.35
CA VAL C 150 27.13 -13.67 -21.35
C VAL C 150 26.71 -14.29 -20.03
N ASP C 151 27.41 -15.34 -19.61
CA ASP C 151 27.03 -16.11 -18.43
C ASP C 151 27.21 -15.35 -17.12
N GLU C 152 28.09 -14.34 -17.12
CA GLU C 152 28.23 -13.47 -15.95
C GLU C 152 27.06 -12.50 -15.89
N LEU C 153 26.66 -11.98 -17.05
CA LEU C 153 25.53 -11.07 -17.13
C LEU C 153 24.27 -11.74 -16.63
N LEU C 154 24.03 -12.98 -17.07
CA LEU C 154 22.84 -13.69 -16.64
C LEU C 154 22.87 -13.98 -15.14
N SER C 155 24.05 -14.30 -14.61
CA SER C 155 24.20 -14.57 -13.19
C SER C 155 23.86 -13.31 -12.41
N LEU C 156 24.50 -12.20 -12.75
CA LEU C 156 24.28 -10.92 -12.05
C LEU C 156 22.82 -10.47 -12.09
N ILE C 157 22.16 -10.69 -13.22
CA ILE C 157 20.75 -10.33 -13.35
C ILE C 157 19.86 -11.33 -12.60
N GLY C 158 20.29 -12.58 -12.52
CA GLY C 158 19.58 -13.60 -11.73
C GLY C 158 19.56 -13.27 -10.25
N LEU C 159 20.70 -12.83 -9.73
CA LEU C 159 20.81 -12.33 -8.36
C LEU C 159 19.84 -11.17 -8.16
N TYR C 160 19.78 -10.25 -9.14
CA TYR C 160 18.86 -9.12 -9.08
C TYR C 160 17.42 -9.60 -9.06
N ASN C 161 17.00 -10.29 -10.12
CA ASN C 161 15.64 -10.85 -10.20
C ASN C 161 15.26 -11.66 -8.96
N GLY C 162 16.23 -12.40 -8.42
CA GLY C 162 16.03 -13.15 -7.21
C GLY C 162 15.55 -12.28 -6.08
N TYR C 163 16.35 -11.29 -5.68
CA TYR C 163 15.98 -10.42 -4.58
C TYR C 163 14.58 -9.87 -4.76
N VAL C 164 14.33 -9.24 -5.90
CA VAL C 164 13.04 -8.60 -6.15
C VAL C 164 11.88 -9.59 -6.03
N GLU C 165 11.92 -10.68 -6.79
CA GLU C 165 10.83 -11.66 -6.78
C GLU C 165 10.53 -12.24 -5.42
N SER C 166 11.57 -12.69 -4.72
CA SER C 166 11.41 -13.31 -3.40
C SER C 166 10.77 -12.36 -2.42
N PHE C 167 11.30 -11.14 -2.35
CA PHE C 167 10.74 -10.12 -1.46
C PHE C 167 9.27 -9.93 -1.77
N VAL C 168 8.98 -9.68 -3.03
CA VAL C 168 7.63 -9.37 -3.46
C VAL C 168 6.71 -10.58 -3.39
N ARG C 169 7.28 -11.78 -3.50
CA ARG C 169 6.48 -12.99 -3.46
C ARG C 169 5.90 -13.18 -2.06
N ASN C 170 6.65 -12.75 -1.04
CA ASN C 170 6.17 -12.75 0.34
C ASN C 170 5.17 -11.65 0.59
N GLU C 171 5.47 -10.46 0.12
CA GLU C 171 4.57 -9.34 0.30
C GLU C 171 3.19 -9.71 -0.20
N VAL C 172 3.16 -10.35 -1.37
CA VAL C 172 1.93 -10.63 -2.07
C VAL C 172 1.29 -11.87 -1.48
N GLY C 173 2.11 -12.74 -0.91
CA GLY C 173 1.62 -13.92 -0.22
C GLY C 173 0.67 -13.56 0.89
N TRP C 174 1.10 -12.66 1.76
CA TRP C 174 0.27 -12.14 2.83
C TRP C 174 -1.01 -11.51 2.29
N LEU C 175 -0.88 -10.70 1.24
CA LEU C 175 -2.02 -10.04 0.64
C LEU C 175 -3.06 -11.05 0.23
N GLU C 176 -2.65 -12.08 -0.51
CA GLU C 176 -3.59 -13.07 -1.03
C GLU C 176 -4.19 -13.87 0.08
N GLU C 177 -3.36 -14.27 1.03
CA GLU C 177 -3.85 -14.95 2.22
C GLU C 177 -4.95 -14.13 2.88
N ALA C 178 -4.68 -12.84 3.10
CA ALA C 178 -5.64 -11.91 3.71
C ALA C 178 -6.95 -11.93 2.94
N ARG C 179 -6.90 -11.85 1.62
CA ARG C 179 -8.10 -12.00 0.81
C ARG C 179 -8.83 -13.30 1.17
N ARG C 180 -8.17 -14.42 0.99
CA ARG C 180 -8.85 -15.70 1.10
C ARG C 180 -9.41 -15.95 2.50
N THR C 181 -8.64 -15.63 3.53
CA THR C 181 -8.98 -16.01 4.90
C THR C 181 -9.51 -14.85 5.75
N LYS C 182 -9.65 -13.69 5.13
CA LYS C 182 -10.04 -12.46 5.83
C LYS C 182 -9.21 -12.19 7.12
N VAL C 183 -8.00 -12.77 7.24
CA VAL C 183 -7.12 -12.57 8.40
C VAL C 183 -5.78 -12.02 7.93
N ASP C 184 -5.51 -10.75 8.21
CA ASP C 184 -4.29 -10.11 7.70
C ASP C 184 -3.05 -10.42 8.55
N MET C 185 -1.92 -9.79 8.25
CA MET C 185 -0.67 -10.15 8.92
C MET C 185 -0.63 -9.75 10.39
N ARG C 186 -1.03 -8.52 10.70
CA ARG C 186 -1.11 -8.11 12.10
C ARG C 186 -1.93 -9.15 12.85
N GLU C 187 -3.08 -9.47 12.28
CA GLU C 187 -4.03 -10.37 12.91
C GLU C 187 -3.47 -11.77 13.11
N TRP C 188 -2.74 -12.26 12.11
CA TRP C 188 -2.17 -13.61 12.17
C TRP C 188 -1.14 -13.65 13.28
N MET C 189 -0.24 -12.69 13.26
CA MET C 189 0.78 -12.62 14.30
C MET C 189 0.15 -12.53 15.68
N ARG C 190 -0.89 -11.71 15.80
CA ARG C 190 -1.60 -11.55 17.07
C ARG C 190 -2.08 -12.91 17.59
N ARG C 191 -2.79 -13.65 16.76
CA ARG C 191 -3.31 -14.97 17.15
C ARG C 191 -2.23 -16.04 17.32
N SER C 192 -1.06 -15.84 16.76
CA SER C 192 0.02 -16.78 16.97
C SER C 192 0.85 -16.48 18.23
N GLY C 193 0.68 -15.30 18.81
CA GLY C 193 1.40 -14.90 20.03
C GLY C 193 1.54 -15.97 21.10
N PRO C 194 0.41 -16.55 21.55
CA PRO C 194 0.37 -17.69 22.45
C PRO C 194 1.34 -18.80 22.08
N TYR C 195 1.28 -19.25 20.82
CA TYR C 195 2.12 -20.36 20.37
C TYR C 195 3.57 -19.91 20.27
N ALA C 196 3.79 -18.66 19.89
CA ALA C 196 5.15 -18.13 19.86
C ALA C 196 5.72 -18.13 21.26
N GLN C 197 4.92 -17.71 22.24
CA GLN C 197 5.30 -17.78 23.65
C GLN C 197 5.78 -19.16 24.01
N GLN C 198 4.95 -20.17 23.73
CA GLN C 198 5.30 -21.56 24.02
C GLN C 198 6.63 -21.91 23.38
N LEU C 199 6.80 -21.51 22.12
CA LEU C 199 8.05 -21.78 21.42
C LEU C 199 9.21 -21.06 22.10
N VAL C 200 9.03 -19.80 22.44
CA VAL C 200 10.09 -19.03 23.09
C VAL C 200 10.49 -19.68 24.41
N ASP C 201 9.49 -20.02 25.22
CA ASP C 201 9.69 -20.62 26.55
C ASP C 201 10.34 -22.00 26.46
N SER C 202 9.81 -22.87 25.60
CA SER C 202 10.44 -24.17 25.35
C SER C 202 11.96 -24.11 25.51
N GLY C 203 12.56 -23.00 25.07
CA GLY C 203 13.99 -22.79 25.20
C GLY C 203 14.77 -23.48 24.09
N GLU C 204 14.07 -24.30 23.29
CA GLU C 204 14.71 -25.06 22.24
C GLU C 204 14.92 -24.20 20.98
N TYR C 205 14.56 -22.91 21.02
CA TYR C 205 14.62 -22.06 19.80
C TYR C 205 15.09 -20.63 20.10
N PRO C 206 16.34 -20.48 20.53
CA PRO C 206 16.87 -19.16 20.94
C PRO C 206 16.74 -18.10 19.87
N MET C 207 17.26 -18.39 18.68
CA MET C 207 17.24 -17.43 17.58
C MET C 207 15.82 -16.96 17.28
N PHE C 208 14.90 -17.90 17.10
CA PHE C 208 13.50 -17.57 16.91
C PHE C 208 13.03 -16.49 17.88
N ALA C 209 13.38 -16.69 19.15
CA ALA C 209 12.98 -15.75 20.19
C ALA C 209 13.70 -14.40 20.01
N ARG C 210 15.00 -14.43 19.75
CA ARG C 210 15.78 -13.20 19.52
C ARG C 210 15.18 -12.34 18.40
N VAL C 211 14.52 -12.98 17.45
CA VAL C 211 14.08 -12.33 16.24
C VAL C 211 12.55 -12.10 16.17
N LEU C 212 11.84 -12.46 17.23
CA LEU C 212 10.38 -12.48 17.19
C LEU C 212 9.75 -11.10 17.14
N ALA C 213 10.20 -10.20 18.01
CA ALA C 213 9.63 -8.84 18.10
C ALA C 213 9.62 -8.18 16.72
N GLU C 214 10.77 -8.23 16.07
CA GLU C 214 10.94 -7.64 14.75
C GLU C 214 10.13 -8.39 13.68
N THR C 215 9.98 -9.71 13.83
CA THR C 215 9.16 -10.48 12.90
C THR C 215 7.67 -10.15 13.02
N VAL C 216 7.20 -9.97 14.24
CA VAL C 216 5.79 -9.69 14.49
C VAL C 216 5.41 -8.29 14.03
N ALA C 217 6.22 -7.29 14.39
CA ALA C 217 5.93 -5.89 14.05
C ALA C 217 7.22 -5.16 13.70
N PRO C 218 7.65 -5.25 12.42
CA PRO C 218 8.94 -4.73 11.98
C PRO C 218 9.16 -3.24 12.25
N HIS C 219 10.43 -2.89 12.50
CA HIS C 219 10.83 -1.54 12.88
C HIS C 219 10.47 -0.62 11.74
N MET C 220 11.06 -0.90 10.57
CA MET C 220 10.77 -0.15 9.36
C MET C 220 9.78 -0.95 8.50
N GLY C 221 9.03 -0.26 7.64
CA GLY C 221 7.98 -0.88 6.83
C GLY C 221 8.43 -1.31 5.44
N PRO C 222 7.57 -2.08 4.73
CA PRO C 222 7.89 -2.71 3.44
C PRO C 222 8.68 -1.85 2.45
N ASP C 223 8.21 -0.63 2.19
CA ASP C 223 8.90 0.24 1.25
C ASP C 223 10.36 0.46 1.68
N GLN C 224 10.55 0.89 2.93
CA GLN C 224 11.88 1.17 3.48
C GLN C 224 12.74 -0.09 3.39
N ARG C 225 12.15 -1.25 3.73
CA ARG C 225 12.87 -2.53 3.72
C ARG C 225 13.26 -2.99 2.33
N PHE C 226 12.30 -2.93 1.41
CA PHE C 226 12.55 -3.31 0.02
C PHE C 226 13.72 -2.51 -0.53
N ARG C 227 13.74 -1.22 -0.24
CA ARG C 227 14.80 -0.36 -0.72
C ARG C 227 16.18 -0.72 -0.15
N SER C 228 16.27 -0.90 1.16
CA SER C 228 17.53 -1.24 1.83
C SER C 228 18.18 -2.45 1.17
N GLY C 229 17.42 -3.54 1.10
CA GLY C 229 17.93 -4.78 0.53
C GLY C 229 18.34 -4.58 -0.90
N LEU C 230 17.52 -3.87 -1.67
CA LEU C 230 17.86 -3.57 -3.06
C LEU C 230 19.19 -2.80 -3.11
N GLU C 231 19.28 -1.77 -2.28
CA GLU C 231 20.47 -0.93 -2.19
C GLU C 231 21.72 -1.80 -1.93
N ARG C 232 21.60 -2.72 -0.96
CA ARG C 232 22.69 -3.64 -0.64
C ARG C 232 23.00 -4.51 -1.87
N LEU C 233 21.97 -5.13 -2.44
CA LEU C 233 22.15 -5.98 -3.61
C LEU C 233 22.87 -5.26 -4.73
N LEU C 234 22.43 -4.05 -5.05
CA LEU C 234 23.07 -3.28 -6.10
C LEU C 234 24.53 -3.03 -5.75
N ASP C 235 24.80 -2.70 -4.49
CA ASP C 235 26.18 -2.47 -4.03
C ASP C 235 27.07 -3.65 -4.39
N SER C 236 26.58 -4.87 -4.16
CA SER C 236 27.37 -6.06 -4.46
C SER C 236 27.55 -6.27 -5.96
N ILE C 237 26.52 -5.96 -6.75
CA ILE C 237 26.65 -6.03 -8.20
C ILE C 237 27.73 -5.04 -8.65
N GLY C 238 27.72 -3.85 -8.06
CA GLY C 238 28.77 -2.85 -8.31
C GLY C 238 30.17 -3.38 -8.06
N ALA C 239 30.35 -4.02 -6.92
CA ALA C 239 31.62 -4.67 -6.59
C ALA C 239 32.02 -5.69 -7.65
N SER C 240 31.05 -6.48 -8.09
CA SER C 240 31.29 -7.49 -9.11
C SER C 240 31.73 -6.87 -10.43
N LEU C 241 31.24 -5.67 -10.74
CA LEU C 241 31.62 -4.99 -11.98
C LEU C 241 33.08 -4.55 -11.95
N ASP C 242 33.61 -4.30 -10.75
CA ASP C 242 35.00 -3.85 -10.58
C ASP C 242 35.96 -5.01 -10.30
N VAL D 7 -6.11 -20.30 14.98
CA VAL D 7 -5.77 -19.86 13.58
C VAL D 7 -4.98 -20.93 12.82
N SER D 8 -3.75 -21.23 13.28
CA SER D 8 -2.78 -22.08 12.58
C SER D 8 -2.80 -23.56 13.03
N ILE D 9 -2.10 -24.41 12.28
CA ILE D 9 -2.23 -25.86 12.55
C ILE D 9 -1.28 -26.35 13.64
N TRP D 10 -0.27 -25.58 13.95
CA TRP D 10 0.68 -25.95 15.01
C TRP D 10 0.09 -25.62 16.38
N MET D 11 -1.10 -25.03 16.37
CA MET D 11 -1.87 -24.75 17.57
C MET D 11 -3.11 -25.61 17.63
N HIS D 12 -3.27 -26.52 16.66
CA HIS D 12 -4.48 -27.31 16.51
C HIS D 12 -4.08 -28.77 16.42
N PRO D 13 -3.74 -29.39 17.58
CA PRO D 13 -3.21 -30.75 17.54
C PRO D 13 -4.29 -31.76 17.18
N GLU D 14 -3.87 -32.92 16.68
CA GLU D 14 -4.83 -33.99 16.38
C GLU D 14 -5.51 -34.45 17.67
N PRO D 15 -6.73 -35.00 17.56
CA PRO D 15 -7.53 -35.38 18.74
C PRO D 15 -6.91 -36.48 19.61
N THR D 26 -4.36 -47.18 13.60
CA THR D 26 -3.62 -46.90 12.36
C THR D 26 -3.81 -45.44 11.88
N LEU D 27 -5.02 -45.08 11.45
CA LEU D 27 -5.22 -43.74 10.91
C LEU D 27 -4.88 -42.61 11.89
N SER D 28 -3.92 -41.78 11.51
CA SER D 28 -3.46 -40.65 12.33
C SER D 28 -3.00 -39.52 11.42
N ARG D 29 -2.81 -38.34 11.99
CA ARG D 29 -2.33 -37.21 11.20
C ARG D 29 -1.00 -37.57 10.57
N ASP D 30 -0.07 -38.03 11.40
CA ASP D 30 1.28 -38.37 10.95
C ASP D 30 1.27 -39.36 9.81
N GLN D 31 0.27 -40.23 9.79
CA GLN D 31 0.17 -41.25 8.76
C GLN D 31 -0.46 -40.71 7.46
N ILE D 32 -1.32 -39.71 7.59
CA ILE D 32 -1.97 -39.09 6.44
C ILE D 32 -0.96 -38.20 5.73
N VAL D 33 -0.18 -37.45 6.51
CA VAL D 33 0.82 -36.56 5.95
C VAL D 33 1.87 -37.37 5.17
N ARG D 34 2.35 -38.45 5.77
CA ARG D 34 3.39 -39.25 5.15
C ARG D 34 2.90 -39.91 3.85
N ALA D 35 1.60 -40.21 3.78
CA ALA D 35 1.00 -40.77 2.58
C ALA D 35 0.81 -39.70 1.50
N ALA D 36 0.44 -38.50 1.92
CA ALA D 36 0.25 -37.39 0.99
C ALA D 36 1.59 -37.04 0.35
N VAL D 37 2.64 -36.98 1.16
CA VAL D 37 3.99 -36.81 0.62
C VAL D 37 4.32 -37.87 -0.42
N LYS D 38 3.98 -39.13 -0.15
CA LYS D 38 4.32 -40.23 -1.06
C LYS D 38 3.59 -40.10 -2.40
N VAL D 39 2.31 -39.73 -2.36
CA VAL D 39 1.56 -39.51 -3.59
C VAL D 39 2.12 -38.31 -4.35
N ALA D 40 2.35 -37.22 -3.62
CA ALA D 40 2.90 -35.98 -4.21
C ALA D 40 4.23 -36.22 -4.91
N ASP D 41 5.13 -36.95 -4.28
CA ASP D 41 6.42 -37.28 -4.90
C ASP D 41 6.22 -38.16 -6.14
N THR D 42 5.50 -39.26 -5.96
CA THR D 42 5.31 -40.27 -7.00
C THR D 42 4.59 -39.74 -8.23
N GLU D 43 3.49 -39.01 -8.02
CA GLU D 43 2.60 -38.58 -9.12
C GLU D 43 2.26 -37.09 -9.12
N GLY D 44 3.01 -36.28 -8.37
CA GLY D 44 2.83 -34.83 -8.42
C GLY D 44 1.70 -34.33 -7.54
N VAL D 45 1.92 -33.18 -6.91
CA VAL D 45 1.00 -32.62 -5.94
C VAL D 45 -0.48 -32.62 -6.37
N GLU D 46 -0.75 -32.47 -7.68
CA GLU D 46 -2.14 -32.44 -8.18
C GLU D 46 -2.88 -33.76 -7.96
N ALA D 47 -2.12 -34.86 -7.91
CA ALA D 47 -2.65 -36.19 -7.62
C ALA D 47 -2.98 -36.39 -6.13
N ALA D 48 -2.26 -35.71 -5.25
CA ALA D 48 -2.46 -35.84 -3.80
C ALA D 48 -3.69 -35.09 -3.35
N SER D 49 -4.84 -35.55 -3.83
CA SER D 49 -6.15 -35.07 -3.43
C SER D 49 -6.69 -35.91 -2.29
N MET D 50 -7.71 -35.40 -1.62
CA MET D 50 -8.22 -36.06 -0.43
C MET D 50 -8.66 -37.49 -0.74
N ARG D 51 -9.24 -37.71 -1.91
CA ARG D 51 -9.70 -39.06 -2.22
C ARG D 51 -8.53 -39.99 -2.48
N ARG D 52 -7.55 -39.50 -3.20
CA ARG D 52 -6.40 -40.31 -3.57
C ARG D 52 -5.56 -40.67 -2.35
N VAL D 53 -5.43 -39.75 -1.40
CA VAL D 53 -4.63 -40.01 -0.20
C VAL D 53 -5.38 -40.94 0.70
N ALA D 54 -6.67 -40.79 0.75
CA ALA D 54 -7.50 -41.70 1.52
C ALA D 54 -7.46 -43.09 0.90
N ALA D 55 -7.63 -43.19 -0.42
CA ALA D 55 -7.48 -44.47 -1.12
C ALA D 55 -6.18 -45.15 -0.75
N GLU D 56 -5.11 -44.36 -0.63
CA GLU D 56 -3.77 -44.88 -0.36
C GLU D 56 -3.73 -45.54 1.00
N LEU D 57 -4.41 -44.94 1.96
CA LEU D 57 -4.43 -45.48 3.32
C LEU D 57 -5.48 -46.57 3.54
N GLY D 58 -6.40 -46.75 2.59
CA GLY D 58 -7.51 -47.66 2.78
C GLY D 58 -8.63 -47.01 3.56
N ALA D 59 -8.55 -45.71 3.76
CA ALA D 59 -9.54 -44.97 4.53
C ALA D 59 -10.64 -44.40 3.66
N GLY D 60 -11.74 -44.06 4.30
CA GLY D 60 -12.76 -43.24 3.67
C GLY D 60 -12.30 -41.81 3.52
N THR D 61 -12.74 -41.14 2.45
CA THR D 61 -12.22 -39.82 2.12
C THR D 61 -12.33 -38.90 3.33
N MET D 62 -13.54 -38.75 3.85
CA MET D 62 -13.79 -37.79 4.90
C MET D 62 -13.26 -38.23 6.29
N SER D 63 -12.73 -39.44 6.36
CA SER D 63 -12.12 -39.95 7.59
C SER D 63 -10.87 -39.16 7.90
N LEU D 64 -10.25 -38.62 6.84
CA LEU D 64 -9.02 -37.85 6.98
C LEU D 64 -9.27 -36.54 7.69
N TYR D 65 -10.48 -36.01 7.55
CA TYR D 65 -10.78 -34.67 8.04
C TYR D 65 -10.87 -34.61 9.54
N TYR D 66 -11.05 -35.76 10.17
CA TYR D 66 -10.99 -35.85 11.62
C TYR D 66 -9.59 -35.50 12.13
N TYR D 67 -8.57 -35.75 11.32
CA TYR D 67 -7.17 -35.52 11.70
C TYR D 67 -6.57 -34.23 11.12
N VAL D 68 -7.20 -33.69 10.10
CA VAL D 68 -6.67 -32.57 9.32
C VAL D 68 -7.84 -31.67 8.85
N PRO D 69 -7.93 -30.44 9.37
CA PRO D 69 -9.08 -29.53 9.19
C PRO D 69 -9.44 -29.18 7.75
N THR D 70 -8.44 -28.87 6.95
CA THR D 70 -8.60 -28.41 5.56
C THR D 70 -7.43 -28.93 4.73
N LYS D 71 -7.54 -28.89 3.41
CA LYS D 71 -6.43 -29.34 2.58
C LYS D 71 -5.27 -28.35 2.66
N GLU D 72 -5.61 -27.06 2.75
CA GLU D 72 -4.57 -26.02 2.89
C GLU D 72 -3.67 -26.45 4.04
N ASP D 73 -4.30 -26.91 5.13
CA ASP D 73 -3.58 -27.36 6.30
C ASP D 73 -2.75 -28.60 6.01
N LEU D 74 -3.31 -29.58 5.34
CA LEU D 74 -2.54 -30.79 5.03
C LEU D 74 -1.24 -30.45 4.32
N VAL D 75 -1.27 -29.47 3.41
CA VAL D 75 -0.08 -29.10 2.65
C VAL D 75 0.97 -28.46 3.57
N GLU D 76 0.56 -27.61 4.50
CA GLU D 76 1.53 -27.05 5.45
C GLU D 76 2.19 -28.19 6.21
N LEU D 77 1.39 -29.15 6.67
CA LEU D 77 1.94 -30.31 7.35
C LEU D 77 2.90 -31.09 6.42
N MET D 78 2.54 -31.18 5.16
CA MET D 78 3.39 -31.85 4.19
C MET D 78 4.71 -31.12 4.09
N VAL D 79 4.65 -29.79 4.13
CA VAL D 79 5.83 -28.97 3.90
C VAL D 79 6.84 -29.17 5.01
N ASP D 80 6.36 -29.13 6.25
CA ASP D 80 7.24 -29.31 7.40
C ASP D 80 7.76 -30.72 7.41
N GLU D 81 6.90 -31.68 7.16
CA GLU D 81 7.32 -33.07 7.19
C GLU D 81 8.59 -33.25 6.37
N VAL D 82 8.55 -32.84 5.10
CA VAL D 82 9.67 -33.12 4.21
C VAL D 82 10.92 -32.35 4.61
N ILE D 83 10.77 -31.14 5.16
CA ILE D 83 11.93 -30.40 5.64
C ILE D 83 12.73 -31.23 6.65
N GLY D 84 12.06 -32.08 7.42
CA GLY D 84 12.70 -32.96 8.41
C GLY D 84 13.70 -33.95 7.83
N GLU D 85 13.65 -34.17 6.53
CA GLU D 85 14.65 -34.99 5.88
C GLU D 85 16.07 -34.36 5.90
N THR D 86 16.16 -33.05 6.20
CA THR D 86 17.44 -32.34 6.13
C THR D 86 18.47 -32.95 7.08
N ARG D 87 19.64 -33.29 6.54
CA ARG D 87 20.78 -33.76 7.39
C ARG D 87 21.66 -32.54 7.76
N LEU D 88 21.47 -32.02 8.98
CA LEU D 88 22.15 -30.79 9.43
C LEU D 88 22.71 -30.98 10.85
N PRO D 89 23.96 -30.52 11.10
CA PRO D 89 24.54 -30.52 12.45
C PRO D 89 23.74 -29.65 13.42
N ASP D 90 23.97 -29.83 14.72
CA ASP D 90 23.24 -29.08 15.74
C ASP D 90 23.73 -27.64 15.79
N ARG D 91 25.01 -27.47 16.11
CA ARG D 91 25.64 -26.16 16.10
C ARG D 91 26.10 -25.89 14.66
N PRO D 92 26.02 -24.63 14.19
CA PRO D 92 26.43 -24.36 12.80
C PRO D 92 27.94 -24.36 12.60
N GLY D 93 28.69 -24.00 13.64
CA GLY D 93 30.15 -23.96 13.57
C GLY D 93 30.65 -22.54 13.37
N PRO D 94 31.97 -22.34 13.40
CA PRO D 94 32.54 -21.01 13.19
C PRO D 94 32.64 -20.60 11.70
N ASP D 95 32.65 -21.60 10.80
CA ASP D 95 32.76 -21.31 9.38
C ASP D 95 31.35 -21.03 8.85
N TRP D 96 30.90 -19.80 9.04
CA TRP D 96 29.56 -19.41 8.59
C TRP D 96 29.39 -19.65 7.08
N ARG D 97 30.45 -19.40 6.30
CA ARG D 97 30.42 -19.66 4.86
C ARG D 97 30.12 -21.14 4.58
N ALA D 98 30.84 -22.03 5.25
CA ALA D 98 30.62 -23.46 5.10
C ALA D 98 29.22 -23.86 5.58
N ALA D 99 28.81 -23.31 6.73
CA ALA D 99 27.51 -23.58 7.31
C ALA D 99 26.38 -23.22 6.34
N LEU D 100 26.38 -21.98 5.87
CA LEU D 100 25.36 -21.53 4.94
C LEU D 100 25.40 -22.33 3.64
N THR D 101 26.59 -22.68 3.15
CA THR D 101 26.70 -23.49 1.93
C THR D 101 25.98 -24.83 2.12
N LEU D 102 26.28 -25.52 3.21
CA LEU D 102 25.67 -26.80 3.49
C LEU D 102 24.12 -26.68 3.56
N ALA D 103 23.64 -25.68 4.28
CA ALA D 103 22.21 -25.48 4.45
C ALA D 103 21.58 -25.26 3.06
N ALA D 104 22.24 -24.44 2.26
CA ALA D 104 21.85 -24.15 0.89
C ALA D 104 21.81 -25.41 0.02
N ASN D 105 22.86 -26.21 0.08
CA ASN D 105 22.91 -27.43 -0.71
C ASN D 105 21.85 -28.47 -0.32
N GLU D 106 21.53 -28.53 0.97
CA GLU D 106 20.56 -29.49 1.48
C GLU D 106 19.16 -29.07 1.07
N LYS D 107 18.90 -27.76 1.10
CA LYS D 107 17.62 -27.22 0.65
C LYS D 107 17.40 -27.49 -0.82
N ARG D 108 18.41 -27.22 -1.63
CA ARG D 108 18.31 -27.51 -3.04
C ARG D 108 18.04 -29.01 -3.23
N ALA D 109 18.81 -29.84 -2.56
CA ALA D 109 18.62 -31.28 -2.66
C ALA D 109 17.19 -31.63 -2.34
N LEU D 110 16.68 -31.03 -1.28
CA LEU D 110 15.31 -31.26 -0.82
C LEU D 110 14.29 -30.91 -1.88
N TRP D 111 14.43 -29.71 -2.42
CA TRP D 111 13.46 -29.20 -3.37
C TRP D 111 13.42 -30.03 -4.62
N LEU D 112 14.60 -30.44 -5.09
CA LEU D 112 14.69 -31.29 -6.27
C LEU D 112 14.01 -32.62 -5.98
N ARG D 113 14.10 -33.07 -4.74
CA ARG D 113 13.52 -34.33 -4.33
C ARG D 113 12.00 -34.21 -4.18
N HIS D 114 11.54 -33.03 -3.82
CA HIS D 114 10.11 -32.74 -3.68
C HIS D 114 9.74 -31.47 -4.45
N PRO D 115 9.66 -31.56 -5.78
CA PRO D 115 9.41 -30.41 -6.63
C PRO D 115 8.18 -29.59 -6.27
N TRP D 116 7.24 -30.21 -5.57
CA TRP D 116 5.97 -29.57 -5.28
C TRP D 116 6.11 -28.49 -4.21
N LEU D 117 7.28 -28.41 -3.56
CA LEU D 117 7.53 -27.37 -2.55
C LEU D 117 7.39 -25.96 -3.11
N ALA D 118 7.90 -25.71 -4.30
CA ALA D 118 7.72 -24.41 -4.95
C ALA D 118 6.23 -24.04 -5.15
N THR D 119 5.43 -24.97 -5.65
CA THR D 119 3.99 -24.75 -5.83
C THR D 119 3.22 -24.75 -4.52
N ALA D 120 3.53 -25.70 -3.64
CA ALA D 120 2.70 -25.93 -2.46
C ALA D 120 2.77 -24.79 -1.49
N TRP D 121 3.96 -24.27 -1.25
CA TRP D 121 4.16 -23.25 -0.25
C TRP D 121 3.68 -21.89 -0.74
N ARG D 122 2.51 -21.46 -0.23
CA ARG D 122 1.77 -20.25 -0.69
C ARG D 122 2.42 -18.91 -0.26
N ASN D 123 3.44 -18.99 0.60
CA ASN D 123 4.38 -17.87 0.87
C ASN D 123 3.91 -16.75 1.81
N GLY D 124 2.73 -16.90 2.43
CA GLY D 124 2.19 -15.88 3.32
C GLY D 124 2.84 -15.96 4.68
N HIS D 125 2.11 -16.53 5.64
CA HIS D 125 2.66 -16.73 6.97
C HIS D 125 3.82 -17.71 6.97
N PRO D 126 4.79 -17.54 7.89
CA PRO D 126 5.86 -18.50 8.00
C PRO D 126 5.35 -19.81 8.56
N VAL D 127 6.03 -20.90 8.21
CA VAL D 127 5.67 -22.22 8.71
C VAL D 127 6.45 -22.42 9.98
N TRP D 128 5.73 -22.46 11.11
CA TRP D 128 6.34 -22.62 12.43
C TRP D 128 6.20 -24.04 13.01
N GLY D 129 6.27 -25.03 12.13
CA GLY D 129 6.39 -26.41 12.55
C GLY D 129 7.79 -26.68 13.06
N PRO D 130 7.97 -27.82 13.75
CA PRO D 130 9.25 -28.17 14.34
C PRO D 130 10.40 -28.21 13.35
N ASN D 131 10.20 -28.85 12.21
CA ASN D 131 11.30 -29.02 11.26
C ASN D 131 11.77 -27.70 10.68
N SER D 132 10.84 -26.84 10.32
CA SER D 132 11.16 -25.50 9.82
C SER D 132 11.91 -24.70 10.87
N LEU D 133 11.43 -24.75 12.09
CA LEU D 133 12.04 -23.99 13.17
C LEU D 133 13.46 -24.47 13.43
N ARG D 134 13.67 -25.79 13.42
CA ARG D 134 15.02 -26.36 13.59
C ARG D 134 15.91 -25.82 12.47
N GLN D 135 15.47 -26.00 11.23
CA GLN D 135 16.24 -25.52 10.06
C GLN D 135 16.56 -24.03 10.17
N GLN D 136 15.58 -23.22 10.57
CA GLN D 136 15.77 -21.78 10.64
C GLN D 136 16.73 -21.41 11.79
N GLU D 137 16.68 -22.15 12.91
CA GLU D 137 17.63 -21.91 13.99
C GLU D 137 19.06 -21.99 13.48
N PHE D 138 19.33 -23.02 12.67
CA PHE D 138 20.65 -23.23 12.11
C PHE D 138 21.11 -22.08 11.21
N VAL D 139 20.22 -21.63 10.35
CA VAL D 139 20.57 -20.59 9.39
C VAL D 139 20.78 -19.27 10.13
N LEU D 140 19.75 -18.82 10.83
CA LEU D 140 19.84 -17.61 11.67
C LEU D 140 21.02 -17.67 12.63
N GLY D 141 21.32 -18.89 13.09
CA GLY D 141 22.47 -19.13 13.98
C GLY D 141 23.81 -18.73 13.39
N THR D 142 24.02 -19.04 12.12
CA THR D 142 25.32 -18.79 11.50
C THR D 142 25.76 -17.33 11.66
N LEU D 143 24.83 -16.39 11.54
CA LEU D 143 25.13 -14.97 11.67
C LEU D 143 24.80 -14.35 13.04
N GLY D 144 24.34 -15.17 13.98
CA GLY D 144 24.01 -14.68 15.33
C GLY D 144 25.24 -14.23 16.09
N VAL D 145 26.35 -14.93 15.84
CA VAL D 145 27.66 -14.60 16.45
C VAL D 145 28.02 -13.12 16.30
N PHE D 146 27.78 -12.55 15.12
CA PHE D 146 28.20 -11.19 14.80
C PHE D 146 27.32 -10.13 15.46
N ASP D 147 27.91 -8.96 15.68
CA ASP D 147 27.28 -7.87 16.39
C ASP D 147 26.41 -7.03 15.45
N LEU D 148 25.25 -7.56 15.06
CA LEU D 148 24.33 -6.82 14.17
C LEU D 148 22.90 -6.73 14.70
N GLN D 149 22.26 -5.60 14.41
CA GLN D 149 20.86 -5.37 14.72
C GLN D 149 19.98 -6.49 14.20
N VAL D 150 18.91 -6.78 14.93
CA VAL D 150 17.95 -7.80 14.52
C VAL D 150 17.57 -7.61 13.05
N ASP D 151 17.21 -6.37 12.69
CA ASP D 151 16.72 -6.07 11.34
C ASP D 151 17.79 -6.18 10.24
N GLU D 152 19.06 -6.04 10.61
CA GLU D 152 20.15 -6.28 9.67
C GLU D 152 20.32 -7.79 9.45
N LEU D 153 20.22 -8.57 10.53
CA LEU D 153 20.33 -10.02 10.45
C LEU D 153 19.25 -10.58 9.54
N LEU D 154 18.01 -10.12 9.70
CA LEU D 154 16.90 -10.61 8.88
C LEU D 154 17.08 -10.23 7.42
N SER D 155 17.59 -9.02 7.18
CA SER D 155 17.87 -8.59 5.81
C SER D 155 18.93 -9.49 5.17
N LEU D 156 20.08 -9.65 5.82
CA LEU D 156 21.14 -10.47 5.30
C LEU D 156 20.71 -11.90 5.02
N ILE D 157 19.89 -12.47 5.90
CA ILE D 157 19.40 -13.83 5.71
C ILE D 157 18.35 -13.89 4.63
N GLY D 158 17.60 -12.81 4.46
CA GLY D 158 16.60 -12.71 3.39
C GLY D 158 17.27 -12.75 2.02
N LEU D 159 18.37 -12.02 1.90
CA LEU D 159 19.19 -12.03 0.69
C LEU D 159 19.67 -13.46 0.40
N TYR D 160 20.12 -14.15 1.46
CA TYR D 160 20.56 -15.55 1.32
C TYR D 160 19.42 -16.45 0.87
N ASN D 161 18.37 -16.54 1.68
CA ASN D 161 17.18 -17.31 1.32
C ASN D 161 16.68 -16.97 -0.10
N GLY D 162 16.74 -15.69 -0.46
CA GLY D 162 16.34 -15.25 -1.78
C GLY D 162 17.09 -15.96 -2.88
N TYR D 163 18.41 -15.83 -2.91
CA TYR D 163 19.21 -16.49 -3.91
C TYR D 163 18.85 -17.97 -4.04
N VAL D 164 18.91 -18.71 -2.94
CA VAL D 164 18.68 -20.14 -2.96
C VAL D 164 17.31 -20.48 -3.53
N GLU D 165 16.25 -19.92 -2.93
CA GLU D 165 14.89 -20.21 -3.39
C GLU D 165 14.63 -19.92 -4.86
N SER D 166 15.03 -18.73 -5.31
CA SER D 166 14.80 -18.29 -6.69
C SER D 166 15.47 -19.24 -7.65
N PHE D 167 16.74 -19.51 -7.40
CA PHE D 167 17.49 -20.42 -8.26
C PHE D 167 16.76 -21.75 -8.35
N VAL D 168 16.46 -22.30 -7.20
CA VAL D 168 15.88 -23.63 -7.11
C VAL D 168 14.42 -23.64 -7.57
N ARG D 169 13.75 -22.49 -7.48
CA ARG D 169 12.37 -22.39 -7.93
C ARG D 169 12.27 -22.57 -9.44
N ASN D 170 13.29 -22.10 -10.15
CA ASN D 170 13.36 -22.28 -11.58
C ASN D 170 13.74 -23.70 -11.94
N GLU D 171 14.75 -24.21 -11.26
CA GLU D 171 15.23 -25.55 -11.54
C GLU D 171 14.05 -26.52 -11.46
N VAL D 172 13.23 -26.34 -10.43
CA VAL D 172 12.15 -27.26 -10.15
C VAL D 172 10.95 -26.94 -11.05
N GLY D 173 10.85 -25.70 -11.50
CA GLY D 173 9.81 -25.30 -12.45
C GLY D 173 9.87 -26.12 -13.72
N TRP D 174 11.05 -26.18 -14.31
CA TRP D 174 11.29 -26.99 -15.50
C TRP D 174 10.96 -28.46 -15.24
N LEU D 175 11.41 -28.96 -14.11
CA LEU D 175 11.17 -30.35 -13.75
C LEU D 175 9.67 -30.65 -13.77
N GLU D 176 8.88 -29.81 -13.09
CA GLU D 176 7.46 -30.07 -12.97
C GLU D 176 6.78 -29.92 -14.30
N GLU D 177 7.17 -28.88 -15.04
CA GLU D 177 6.68 -28.70 -16.40
C GLU D 177 6.91 -29.97 -17.25
N ALA D 178 8.14 -30.49 -17.20
CA ALA D 178 8.51 -31.71 -17.88
C ALA D 178 7.56 -32.85 -17.51
N ARG D 179 7.30 -33.04 -16.22
CA ARG D 179 6.31 -34.05 -15.80
C ARG D 179 4.99 -33.82 -16.51
N ARG D 180 4.41 -32.65 -16.33
CA ARG D 180 3.04 -32.40 -16.80
C ARG D 180 2.91 -32.51 -18.30
N THR D 181 3.87 -31.95 -19.04
CA THR D 181 3.76 -31.80 -20.49
C THR D 181 4.63 -32.78 -21.27
N LYS D 182 5.32 -33.67 -20.56
CA LYS D 182 6.28 -34.62 -21.16
C LYS D 182 7.27 -33.95 -22.15
N VAL D 183 7.48 -32.64 -22.03
CA VAL D 183 8.40 -31.89 -22.90
C VAL D 183 9.45 -31.20 -22.02
N ASP D 184 10.68 -31.69 -22.03
CA ASP D 184 11.71 -31.16 -21.12
C ASP D 184 12.34 -29.86 -21.65
N MET D 185 13.36 -29.36 -20.96
CA MET D 185 13.93 -28.07 -21.32
C MET D 185 14.67 -28.06 -22.65
N ARG D 186 15.54 -29.05 -22.88
CA ARG D 186 16.24 -29.17 -24.18
C ARG D 186 15.15 -29.15 -25.27
N GLU D 187 14.12 -29.93 -25.06
CA GLU D 187 13.06 -30.10 -26.05
C GLU D 187 12.26 -28.83 -26.29
N TRP D 188 11.98 -28.09 -25.21
CA TRP D 188 11.22 -26.85 -25.32
C TRP D 188 12.02 -25.83 -26.11
N MET D 189 13.28 -25.66 -25.72
CA MET D 189 14.17 -24.75 -26.42
C MET D 189 14.30 -25.12 -27.90
N ARG D 190 14.44 -26.42 -28.18
CA ARG D 190 14.52 -26.91 -29.54
C ARG D 190 13.30 -26.46 -30.37
N ARG D 191 12.11 -26.73 -29.88
CA ARG D 191 10.89 -26.33 -30.59
C ARG D 191 10.63 -24.83 -30.65
N SER D 192 11.26 -24.07 -29.76
CA SER D 192 11.10 -22.62 -29.81
C SER D 192 12.12 -21.95 -30.74
N GLY D 193 13.14 -22.70 -31.15
CA GLY D 193 14.18 -22.17 -32.05
C GLY D 193 13.68 -21.27 -33.18
N PRO D 194 12.75 -21.79 -33.99
CA PRO D 194 12.05 -21.04 -35.04
C PRO D 194 11.55 -19.69 -34.60
N TYR D 195 10.82 -19.66 -33.50
CA TYR D 195 10.26 -18.41 -33.01
C TYR D 195 11.36 -17.50 -32.48
N ALA D 196 12.37 -18.10 -31.87
CA ALA D 196 13.49 -17.35 -31.35
C ALA D 196 14.17 -16.65 -32.51
N GLN D 197 14.35 -17.40 -33.59
CA GLN D 197 14.89 -16.83 -34.83
C GLN D 197 14.13 -15.59 -35.25
N GLN D 198 12.80 -15.73 -35.35
CA GLN D 198 11.95 -14.62 -35.73
C GLN D 198 12.18 -13.44 -34.80
N LEU D 199 12.25 -13.71 -33.51
CA LEU D 199 12.50 -12.66 -32.54
C LEU D 199 13.87 -12.04 -32.78
N VAL D 200 14.89 -12.86 -32.97
CA VAL D 200 16.25 -12.34 -33.19
C VAL D 200 16.29 -11.42 -34.41
N ASP D 201 15.71 -11.92 -35.50
CA ASP D 201 15.69 -11.21 -36.80
C ASP D 201 14.89 -9.93 -36.74
N SER D 202 13.68 -9.99 -36.18
CA SER D 202 12.87 -8.78 -35.94
C SER D 202 13.75 -7.57 -35.69
N GLY D 203 14.86 -7.79 -34.96
CA GLY D 203 15.81 -6.72 -34.66
C GLY D 203 15.37 -5.88 -33.48
N GLU D 204 14.13 -6.10 -33.01
CA GLU D 204 13.54 -5.33 -31.93
C GLU D 204 14.06 -5.82 -30.55
N TYR D 205 14.94 -6.84 -30.51
CA TYR D 205 15.35 -7.45 -29.24
C TYR D 205 16.82 -7.85 -29.22
N PRO D 206 17.73 -6.88 -29.29
CA PRO D 206 19.17 -7.16 -29.38
C PRO D 206 19.69 -8.02 -28.25
N MET D 207 19.42 -7.60 -27.01
CA MET D 207 19.90 -8.32 -25.84
C MET D 207 19.44 -9.78 -25.86
N PHE D 208 18.14 -9.99 -26.05
CA PHE D 208 17.61 -11.32 -26.16
C PHE D 208 18.48 -12.17 -27.07
N ALA D 209 18.86 -11.61 -28.22
CA ALA D 209 19.67 -12.31 -29.21
C ALA D 209 21.09 -12.57 -28.70
N ARG D 210 21.71 -11.54 -28.12
CA ARG D 210 23.04 -11.67 -27.52
C ARG D 210 23.11 -12.81 -26.48
N VAL D 211 22.00 -13.06 -25.80
CA VAL D 211 21.97 -13.95 -24.65
C VAL D 211 21.30 -15.31 -24.94
N LEU D 212 20.90 -15.54 -26.19
CA LEU D 212 20.10 -16.72 -26.52
C LEU D 212 20.89 -18.02 -26.43
N ALA D 213 22.08 -18.05 -27.01
CA ALA D 213 22.91 -19.26 -27.03
C ALA D 213 23.07 -19.84 -25.63
N GLU D 214 23.45 -18.96 -24.70
CA GLU D 214 23.68 -19.35 -23.31
C GLU D 214 22.37 -19.73 -22.61
N THR D 215 21.27 -19.09 -22.99
CA THR D 215 19.96 -19.44 -22.43
C THR D 215 19.49 -20.81 -22.89
N VAL D 216 19.71 -21.14 -24.16
CA VAL D 216 19.26 -22.39 -24.74
C VAL D 216 20.07 -23.55 -24.19
N ALA D 217 21.39 -23.41 -24.18
CA ALA D 217 22.28 -24.49 -23.75
C ALA D 217 23.48 -23.91 -22.97
N PRO D 218 23.32 -23.71 -21.65
CA PRO D 218 24.30 -23.02 -20.82
C PRO D 218 25.68 -23.64 -20.84
N HIS D 219 26.69 -22.78 -20.69
CA HIS D 219 28.09 -23.15 -20.75
C HIS D 219 28.39 -24.15 -19.63
N MET D 220 28.18 -23.71 -18.40
CA MET D 220 28.33 -24.57 -17.22
C MET D 220 26.91 -25.05 -16.76
N GLY D 221 26.86 -26.19 -16.07
CA GLY D 221 25.59 -26.81 -15.65
C GLY D 221 25.13 -26.42 -14.24
N PRO D 222 23.90 -26.81 -13.87
CA PRO D 222 23.20 -26.34 -12.68
C PRO D 222 24.02 -26.34 -11.39
N ASP D 223 24.68 -27.45 -11.10
CA ASP D 223 25.51 -27.53 -9.91
C ASP D 223 26.58 -26.43 -9.91
N GLN D 224 27.34 -26.36 -11.00
CA GLN D 224 28.41 -25.36 -11.13
C GLN D 224 27.83 -23.95 -10.96
N ARG D 225 26.68 -23.70 -11.60
CA ARG D 225 26.04 -22.39 -11.58
C ARG D 225 25.51 -22.02 -10.23
N PHE D 226 24.81 -22.95 -9.59
CA PHE D 226 24.30 -22.73 -8.24
C PHE D 226 25.43 -22.32 -7.30
N ARG D 227 26.55 -23.03 -7.40
CA ARG D 227 27.69 -22.75 -6.54
C ARG D 227 28.28 -21.35 -6.76
N SER D 228 28.53 -20.99 -8.01
CA SER D 228 29.11 -19.68 -8.37
C SER D 228 28.31 -18.55 -7.74
N GLY D 229 27.01 -18.52 -8.04
CA GLY D 229 26.14 -17.49 -7.52
C GLY D 229 26.13 -17.49 -6.01
N LEU D 230 26.06 -18.66 -5.39
CA LEU D 230 26.11 -18.75 -3.94
C LEU D 230 27.40 -18.13 -3.43
N GLU D 231 28.51 -18.54 -4.04
CA GLU D 231 29.85 -18.05 -3.69
C GLU D 231 29.90 -16.51 -3.73
N ARG D 232 29.35 -15.94 -4.80
CA ARG D 232 29.27 -14.48 -4.93
C ARG D 232 28.42 -13.90 -3.80
N LEU D 233 27.21 -14.44 -3.64
CA LEU D 233 26.30 -13.97 -2.60
C LEU D 233 26.96 -13.95 -1.22
N LEU D 234 27.61 -15.06 -0.86
CA LEU D 234 28.28 -15.13 0.43
C LEU D 234 29.36 -14.06 0.53
N ASP D 235 30.11 -13.87 -0.56
CA ASP D 235 31.16 -12.83 -0.60
C ASP D 235 30.59 -11.47 -0.21
N SER D 236 29.42 -11.12 -0.73
CA SER D 236 28.80 -9.84 -0.40
C SER D 236 28.30 -9.79 1.06
N ILE D 237 27.78 -10.91 1.58
CA ILE D 237 27.39 -10.94 2.99
C ILE D 237 28.64 -10.70 3.84
N GLY D 238 29.76 -11.33 3.47
CA GLY D 238 31.04 -11.11 4.13
C GLY D 238 31.43 -9.64 4.20
N ALA D 239 31.33 -8.96 3.05
CA ALA D 239 31.58 -7.52 2.98
C ALA D 239 30.67 -6.75 3.94
N SER D 240 29.40 -7.13 3.99
CA SER D 240 28.45 -6.49 4.89
C SER D 240 28.83 -6.69 6.36
N LEU D 241 29.47 -7.80 6.69
CA LEU D 241 29.86 -8.06 8.08
C LEU D 241 30.96 -7.07 8.57
N ASP D 242 31.69 -6.46 7.65
CA ASP D 242 32.77 -5.51 8.02
C ASP D 242 32.34 -4.06 7.81
#